data_6T6D
#
_entry.id   6T6D
#
_cell.length_a   198.091
_cell.length_b   101.882
_cell.length_c   84.271
_cell.angle_alpha   90.000
_cell.angle_beta   111.429
_cell.angle_gamma   90.000
#
_symmetry.space_group_name_H-M   'C 1 2 1'
#
loop_
_entity.id
_entity.type
_entity.pdbx_description
1 polymer 'Activin receptor type I'
2 non-polymer 2-methoxy-4-[4-methyl-5-(4-piperazin-1-ylphenyl)pyridin-3-yl]benzamide
3 non-polymer 'SULFATE ION'
4 water water
#
_entity_poly.entity_id   1
_entity_poly.type   'polypeptide(L)'
_entity_poly.pdbx_seq_one_letter_code
;SMQRTVARDITLLECVGKGRYGEVWRGSWQGENVAVKIFSSRDEKSWFRETELYNTVMLRHENILGFIASDMTSRHSSTQ
LWLITHYHEMGSLYDYLQLTTLDTVSCLRIVLSIASGLAHLHIEIFGTQGKPAIAHRDLKSKNILVKKNGQCCIADLGLA
VMHSQSTNQLDVGNNPRVGTKRYMAPEVLDETIQVDCFDSYKRVDIWAFGLVLWEVARRMVSNGIVEDYKPPFYDVVPND
PSFEDMRKVVCVDQQRPNIPNRWFSDPTLTSLAKLMKECWYQNPSARLTALRIKKTLTKID
;
_entity_poly.pdbx_strand_id   A,B,C,D
#
# COMPACT_ATOMS: atom_id res chain seq x y z
N VAL A 6 -26.97 38.41 -5.41
CA VAL A 6 -25.82 38.27 -4.53
C VAL A 6 -26.24 37.61 -3.22
N ALA A 7 -25.30 37.50 -2.28
CA ALA A 7 -25.59 37.00 -0.94
C ALA A 7 -26.07 38.10 -0.02
N ARG A 8 -26.55 39.22 -0.56
CA ARG A 8 -27.26 40.22 0.23
C ARG A 8 -28.67 39.78 0.58
N ASP A 9 -29.08 38.60 0.14
N ASP A 9 -29.11 38.60 0.13
CA ASP A 9 -30.38 38.02 0.42
CA ASP A 9 -30.42 38.06 0.46
C ASP A 9 -30.33 37.01 1.56
C ASP A 9 -30.36 37.05 1.60
N ILE A 10 -29.40 37.19 2.49
CA ILE A 10 -29.10 36.18 3.52
C ILE A 10 -29.40 36.74 4.89
N THR A 11 -30.01 35.92 5.74
CA THR A 11 -30.34 36.28 7.11
C THR A 11 -29.33 35.62 8.05
N LEU A 12 -28.55 36.43 8.75
CA LEU A 12 -27.58 35.93 9.72
C LEU A 12 -28.28 35.68 11.05
N LEU A 13 -28.48 34.40 11.38
CA LEU A 13 -29.27 34.03 12.55
C LEU A 13 -28.44 33.94 13.82
N GLU A 14 -27.34 33.20 13.79
CA GLU A 14 -26.63 32.83 15.00
C GLU A 14 -25.15 32.65 14.69
N CYS A 15 -24.31 33.11 15.62
CA CYS A 15 -22.87 32.96 15.49
C CYS A 15 -22.44 31.63 16.10
N VAL A 16 -21.80 30.78 15.29
CA VAL A 16 -21.38 29.46 15.75
C VAL A 16 -19.88 29.39 16.04
N GLY A 17 -19.08 30.29 15.47
CA GLY A 17 -17.65 30.28 15.71
C GLY A 17 -17.01 31.65 15.64
N LYS A 18 -16.05 31.92 16.52
CA LYS A 18 -15.32 33.18 16.55
C LYS A 18 -13.85 32.90 16.80
N GLY A 19 -12.99 33.69 16.17
CA GLY A 19 -11.56 33.51 16.35
C GLY A 19 -10.79 34.56 15.60
N ARG A 20 -9.48 34.33 15.48
CA ARG A 20 -8.62 35.27 14.77
C ARG A 20 -9.04 35.39 13.31
N TYR A 21 -9.36 34.26 12.67
CA TYR A 21 -9.77 34.27 11.26
C TYR A 21 -10.89 35.29 11.02
N GLY A 22 -11.85 35.35 11.93
CA GLY A 22 -13.03 36.17 11.76
C GLY A 22 -14.20 35.58 12.52
N GLU A 23 -15.30 35.29 11.82
CA GLU A 23 -16.45 34.65 12.45
C GLU A 23 -17.14 33.76 11.43
N VAL A 24 -17.81 32.73 11.94
CA VAL A 24 -18.68 31.88 11.14
C VAL A 24 -20.09 31.98 11.72
N TRP A 25 -21.06 32.28 10.87
CA TRP A 25 -22.45 32.42 11.26
C TRP A 25 -23.28 31.35 10.59
N ARG A 26 -24.26 30.83 11.33
CA ARG A 26 -25.37 30.11 10.70
C ARG A 26 -26.35 31.13 10.14
N GLY A 27 -26.71 30.96 8.87
CA GLY A 27 -27.63 31.87 8.23
C GLY A 27 -28.64 31.12 7.38
N SER A 28 -29.72 31.82 7.07
CA SER A 28 -30.78 31.28 6.22
C SER A 28 -30.74 31.98 4.87
N TRP A 29 -30.93 31.21 3.81
CA TRP A 29 -30.92 31.75 2.45
C TRP A 29 -31.90 30.92 1.61
N GLN A 30 -33.02 31.53 1.24
CA GLN A 30 -34.06 30.86 0.46
C GLN A 30 -34.54 29.59 1.16
N GLY A 31 -34.80 29.72 2.47
CA GLY A 31 -35.35 28.64 3.25
C GLY A 31 -34.37 27.59 3.72
N GLU A 32 -33.11 27.66 3.30
CA GLU A 32 -32.11 26.66 3.63
C GLU A 32 -31.05 27.25 4.54
N ASN A 33 -30.60 26.46 5.51
CA ASN A 33 -29.50 26.87 6.37
C ASN A 33 -28.19 26.93 5.59
N VAL A 34 -27.40 27.96 5.85
CA VAL A 34 -26.09 28.09 5.24
C VAL A 34 -25.10 28.59 6.29
N ALA A 35 -23.83 28.27 6.09
CA ALA A 35 -22.75 28.80 6.91
C ALA A 35 -22.13 29.99 6.20
N VAL A 36 -21.88 31.06 6.96
CA VAL A 36 -21.30 32.29 6.42
C VAL A 36 -20.05 32.61 7.22
N LYS A 37 -18.90 32.64 6.55
CA LYS A 37 -17.64 33.01 7.16
C LYS A 37 -17.36 34.48 6.83
N ILE A 38 -17.25 35.31 7.86
CA ILE A 38 -16.99 36.73 7.72
C ILE A 38 -15.52 36.96 8.04
N PHE A 39 -14.74 37.33 7.03
CA PHE A 39 -13.31 37.54 7.20
C PHE A 39 -13.04 38.98 7.60
N SER A 40 -12.33 39.17 8.71
CA SER A 40 -11.81 40.48 9.04
C SER A 40 -10.85 40.93 7.95
N SER A 41 -10.69 42.25 7.82
CA SER A 41 -9.87 42.78 6.72
C SER A 41 -8.40 42.40 6.86
N ARG A 42 -7.99 41.82 8.00
CA ARG A 42 -6.63 41.33 8.14
C ARG A 42 -6.45 39.93 7.57
N ASP A 43 -7.55 39.22 7.27
CA ASP A 43 -7.49 37.90 6.65
C ASP A 43 -7.86 37.93 5.18
N GLU A 44 -7.83 39.11 4.56
CA GLU A 44 -8.32 39.25 3.19
C GLU A 44 -7.64 38.27 2.24
N LYS A 45 -6.36 37.95 2.47
CA LYS A 45 -5.68 37.01 1.60
C LYS A 45 -6.11 35.58 1.88
N SER A 46 -6.47 35.26 3.13
CA SER A 46 -7.07 33.96 3.41
C SER A 46 -8.43 33.84 2.74
N TRP A 47 -9.21 34.93 2.71
CA TRP A 47 -10.48 34.91 2.01
C TRP A 47 -10.29 34.62 0.53
N PHE A 48 -9.40 35.37 -0.12
CA PHE A 48 -9.22 35.19 -1.56
C PHE A 48 -8.70 33.79 -1.88
N ARG A 49 -7.73 33.30 -1.11
CA ARG A 49 -7.20 31.97 -1.35
C ARG A 49 -8.28 30.92 -1.26
N GLU A 50 -8.99 30.87 -0.14
CA GLU A 50 -10.06 29.89 0.03
C GLU A 50 -11.14 30.06 -1.03
N THR A 51 -11.44 31.31 -1.42
CA THR A 51 -12.39 31.54 -2.49
C THR A 51 -11.86 31.01 -3.82
N GLU A 52 -10.59 31.29 -4.12
CA GLU A 52 -10.04 30.89 -5.41
C GLU A 52 -10.06 29.37 -5.59
N LEU A 53 -9.80 28.63 -4.51
CA LEU A 53 -9.91 27.17 -4.60
C LEU A 53 -11.33 26.75 -4.97
N TYR A 54 -12.33 27.36 -4.36
CA TYR A 54 -13.72 27.05 -4.67
C TYR A 54 -14.19 27.71 -5.96
N ASN A 55 -13.64 28.88 -6.29
CA ASN A 55 -14.10 29.69 -7.40
C ASN A 55 -13.43 29.34 -8.72
N THR A 56 -12.12 29.13 -8.70
CA THR A 56 -11.35 28.87 -9.92
C THR A 56 -10.98 27.39 -10.09
N VAL A 57 -10.44 26.76 -9.03
CA VAL A 57 -10.10 25.35 -9.09
C VAL A 57 -11.33 24.46 -9.12
N MET A 58 -12.50 25.00 -8.78
CA MET A 58 -13.75 24.25 -8.81
C MET A 58 -13.72 23.09 -7.82
N LEU A 59 -13.09 23.32 -6.67
CA LEU A 59 -12.95 22.28 -5.67
C LEU A 59 -14.32 21.78 -5.21
N ARG A 60 -14.57 20.49 -5.42
CA ARG A 60 -15.81 19.85 -4.99
C ARG A 60 -15.54 18.38 -4.73
N HIS A 61 -16.08 17.89 -3.62
CA HIS A 61 -15.92 16.49 -3.24
C HIS A 61 -16.82 16.21 -2.05
N GLU A 62 -17.36 14.99 -2.00
CA GLU A 62 -18.31 14.64 -0.95
C GLU A 62 -17.77 14.88 0.45
N ASN A 63 -16.44 14.93 0.62
CA ASN A 63 -15.84 15.10 1.93
C ASN A 63 -15.03 16.39 2.02
N ILE A 64 -15.30 17.36 1.15
CA ILE A 64 -14.79 18.72 1.26
C ILE A 64 -15.99 19.64 1.47
N LEU A 65 -15.83 20.64 2.35
CA LEU A 65 -16.92 21.56 2.60
C LEU A 65 -17.41 22.17 1.30
N GLY A 66 -18.73 22.14 1.10
CA GLY A 66 -19.33 22.56 -0.15
C GLY A 66 -19.49 24.06 -0.30
N PHE A 67 -18.81 24.61 -1.30
CA PHE A 67 -18.91 26.03 -1.59
C PHE A 67 -20.30 26.37 -2.12
N ILE A 68 -20.79 27.55 -1.75
CA ILE A 68 -22.05 28.09 -2.26
C ILE A 68 -21.84 29.41 -2.98
N ALA A 69 -21.20 30.38 -2.31
CA ALA A 69 -20.97 31.68 -2.92
C ALA A 69 -19.88 32.39 -2.14
N SER A 70 -19.30 33.40 -2.78
CA SER A 70 -18.32 34.28 -2.17
C SER A 70 -18.63 35.70 -2.58
N ASP A 71 -18.61 36.63 -1.62
CA ASP A 71 -18.94 38.01 -1.88
C ASP A 71 -17.94 38.93 -1.20
N MET A 72 -17.49 39.94 -1.93
CA MET A 72 -16.75 41.06 -1.36
C MET A 72 -17.36 42.36 -1.87
N THR A 73 -17.62 43.27 -0.95
CA THR A 73 -18.04 44.63 -1.27
C THR A 73 -17.14 45.58 -0.50
N SER A 74 -16.57 46.55 -1.21
CA SER A 74 -15.52 47.40 -0.63
C SER A 74 -15.69 48.83 -1.10
N ARG A 75 -15.93 49.73 -0.15
CA ARG A 75 -15.84 51.17 -0.36
C ARG A 75 -14.65 51.70 0.42
N HIS A 76 -14.42 53.02 0.31
CA HIS A 76 -13.45 53.65 1.20
C HIS A 76 -13.91 53.60 2.65
N SER A 77 -15.22 53.47 2.89
CA SER A 77 -15.74 53.43 4.24
C SER A 77 -15.36 52.13 4.94
N SER A 78 -15.65 50.99 4.31
CA SER A 78 -15.37 49.69 4.90
C SER A 78 -15.30 48.64 3.79
N THR A 79 -14.99 47.41 4.17
CA THR A 79 -14.94 46.29 3.26
C THR A 79 -15.41 45.03 3.96
N GLN A 80 -16.33 44.30 3.34
CA GLN A 80 -16.86 43.06 3.88
C GLN A 80 -16.42 41.88 3.01
N LEU A 81 -16.10 40.77 3.67
CA LEU A 81 -15.60 39.57 3.00
C LEU A 81 -16.38 38.37 3.53
N TRP A 82 -17.25 37.81 2.69
CA TRP A 82 -18.09 36.69 3.06
C TRP A 82 -17.76 35.47 2.20
N LEU A 83 -17.64 34.31 2.85
CA LEU A 83 -17.58 33.02 2.19
C LEU A 83 -18.77 32.21 2.67
N ILE A 84 -19.58 31.73 1.73
CA ILE A 84 -20.84 31.07 2.04
C ILE A 84 -20.76 29.62 1.59
N THR A 85 -21.08 28.70 2.49
CA THR A 85 -21.02 27.28 2.20
C THR A 85 -22.24 26.60 2.81
N HIS A 86 -22.38 25.31 2.56
CA HIS A 86 -23.40 24.52 3.22
C HIS A 86 -23.20 24.56 4.74
N TYR A 87 -24.26 24.25 5.46
CA TYR A 87 -24.24 24.26 6.92
C TYR A 87 -24.38 22.84 7.43
N HIS A 88 -23.66 22.54 8.52
CA HIS A 88 -23.64 21.20 9.11
C HIS A 88 -24.01 21.30 10.58
N GLU A 89 -25.30 21.08 10.84
CA GLU A 89 -25.87 21.26 12.18
C GLU A 89 -25.03 20.58 13.25
N MET A 90 -24.60 19.35 13.00
CA MET A 90 -23.90 18.60 14.04
C MET A 90 -22.57 19.22 14.44
N GLY A 91 -22.05 20.16 13.66
CA GLY A 91 -20.87 20.90 14.06
C GLY A 91 -19.57 20.23 13.66
N SER A 92 -18.52 20.59 14.41
CA SER A 92 -17.19 20.08 14.12
C SER A 92 -17.00 18.71 14.74
N LEU A 93 -16.03 17.96 14.19
CA LEU A 93 -15.68 16.67 14.75
C LEU A 93 -15.24 16.81 16.21
N TYR A 94 -14.68 17.96 16.57
CA TYR A 94 -14.26 18.21 17.94
C TYR A 94 -15.46 18.30 18.89
N ASP A 95 -16.48 19.06 18.50
CA ASP A 95 -17.70 19.14 19.31
C ASP A 95 -18.43 17.81 19.35
N TYR A 96 -18.50 17.14 18.20
CA TYR A 96 -19.24 15.88 18.10
C TYR A 96 -18.65 14.81 19.01
N LEU A 97 -17.32 14.62 18.94
CA LEU A 97 -16.68 13.55 19.71
C LEU A 97 -16.87 13.71 21.21
N GLN A 98 -17.12 14.93 21.68
CA GLN A 98 -17.31 15.15 23.10
C GLN A 98 -18.68 14.72 23.60
N LEU A 99 -19.67 14.63 22.70
CA LEU A 99 -21.03 14.28 23.06
C LEU A 99 -21.43 12.89 22.59
N THR A 100 -20.55 12.16 21.91
CA THR A 100 -20.93 10.91 21.28
C THR A 100 -19.85 9.87 21.46
N THR A 101 -20.27 8.63 21.65
CA THR A 101 -19.40 7.46 21.51
C THR A 101 -19.56 6.89 20.11
N LEU A 102 -18.73 5.91 19.79
CA LEU A 102 -18.71 5.32 18.46
C LEU A 102 -18.75 3.81 18.53
N ASP A 103 -19.15 3.21 17.42
CA ASP A 103 -19.09 1.77 17.20
C ASP A 103 -18.27 1.50 15.94
N THR A 104 -18.08 0.22 15.64
CA THR A 104 -17.22 -0.17 14.53
C THR A 104 -17.58 0.58 13.26
N VAL A 105 -18.88 0.66 12.95
CA VAL A 105 -19.30 1.20 11.66
C VAL A 105 -19.19 2.73 11.65
N SER A 106 -19.71 3.39 12.69
CA SER A 106 -19.69 4.85 12.70
C SER A 106 -18.27 5.39 12.76
N CYS A 107 -17.38 4.72 13.50
CA CYS A 107 -16.00 5.15 13.57
C CYS A 107 -15.33 5.05 12.20
N LEU A 108 -15.50 3.91 11.52
CA LEU A 108 -14.89 3.72 10.21
C LEU A 108 -15.39 4.79 9.23
N ARG A 109 -16.70 5.02 9.21
CA ARG A 109 -17.26 6.03 8.31
C ARG A 109 -16.60 7.38 8.53
N ILE A 110 -16.40 7.76 9.79
CA ILE A 110 -15.71 9.01 10.09
C ILE A 110 -14.28 8.98 9.56
N VAL A 111 -13.52 7.96 9.95
CA VAL A 111 -12.10 7.90 9.61
C VAL A 111 -11.91 7.81 8.10
N LEU A 112 -12.59 6.84 7.46
CA LEU A 112 -12.45 6.69 6.01
C LEU A 112 -12.92 7.93 5.28
N SER A 113 -13.95 8.59 5.81
CA SER A 113 -14.44 9.82 5.20
C SER A 113 -13.35 10.88 5.15
N ILE A 114 -12.62 11.05 6.26
CA ILE A 114 -11.56 12.05 6.31
C ILE A 114 -10.44 11.68 5.34
N ALA A 115 -10.01 10.43 5.36
CA ALA A 115 -8.95 9.99 4.47
C ALA A 115 -9.32 10.22 3.01
N SER A 116 -10.60 10.03 2.68
CA SER A 116 -11.03 10.25 1.31
C SER A 116 -10.95 11.72 0.92
N GLY A 117 -11.40 12.61 1.82
CA GLY A 117 -11.31 14.03 1.53
C GLY A 117 -9.88 14.52 1.49
N LEU A 118 -9.02 14.00 2.37
CA LEU A 118 -7.63 14.43 2.39
C LEU A 118 -6.90 13.97 1.13
N ALA A 119 -7.15 12.72 0.69
CA ALA A 119 -6.46 12.20 -0.48
C ALA A 119 -6.90 12.92 -1.76
N HIS A 120 -8.19 13.26 -1.86
CA HIS A 120 -8.63 14.04 -3.01
C HIS A 120 -7.97 15.41 -3.02
N LEU A 121 -7.80 16.02 -1.84
CA LEU A 121 -7.07 17.26 -1.73
C LEU A 121 -5.62 17.09 -2.21
N HIS A 122 -4.96 16.02 -1.77
CA HIS A 122 -3.53 15.86 -2.05
C HIS A 122 -3.26 15.50 -3.50
N ILE A 123 -4.13 14.73 -4.13
CA ILE A 123 -3.83 14.12 -5.43
C ILE A 123 -4.10 15.14 -6.54
N GLU A 124 -3.10 15.31 -7.41
CA GLU A 124 -3.24 16.21 -8.55
C GLU A 124 -4.02 15.54 -9.66
N ILE A 125 -4.83 16.33 -10.37
CA ILE A 125 -5.65 15.85 -11.48
C ILE A 125 -5.34 16.69 -12.70
N PHE A 126 -5.26 16.04 -13.86
CA PHE A 126 -4.88 16.67 -15.11
C PHE A 126 -6.08 16.79 -16.03
N GLY A 127 -5.92 17.61 -17.07
CA GLY A 127 -6.96 17.81 -18.07
C GLY A 127 -7.71 19.12 -17.86
N THR A 128 -8.78 19.26 -18.64
CA THR A 128 -9.58 20.47 -18.57
C THR A 128 -10.27 20.62 -17.22
N GLN A 129 -10.62 19.51 -16.58
CA GLN A 129 -11.28 19.52 -15.28
C GLN A 129 -10.35 19.08 -14.16
N GLY A 130 -9.04 19.15 -14.37
CA GLY A 130 -8.09 18.75 -13.36
C GLY A 130 -7.96 19.76 -12.23
N LYS A 131 -7.14 19.41 -11.27
CA LYS A 131 -6.87 20.23 -10.10
C LYS A 131 -5.40 20.08 -9.71
N PRO A 132 -4.80 21.13 -9.15
CA PRO A 132 -3.45 20.99 -8.62
C PRO A 132 -3.48 20.21 -7.30
N ALA A 133 -2.31 19.73 -6.90
CA ALA A 133 -2.18 19.13 -5.59
C ALA A 133 -2.34 20.20 -4.52
N ILE A 134 -3.07 19.87 -3.46
CA ILE A 134 -3.43 20.82 -2.41
C ILE A 134 -3.01 20.25 -1.07
N ALA A 135 -2.33 21.07 -0.26
CA ALA A 135 -2.02 20.73 1.12
C ALA A 135 -2.83 21.62 2.05
N HIS A 136 -3.46 21.02 3.05
CA HIS A 136 -4.36 21.74 3.93
C HIS A 136 -3.59 22.68 4.85
N ARG A 137 -2.69 22.13 5.66
CA ARG A 137 -1.77 22.83 6.56
C ARG A 137 -2.39 23.19 7.91
N ASP A 138 -3.64 22.84 8.16
CA ASP A 138 -4.24 23.10 9.47
C ASP A 138 -5.25 22.02 9.81
N LEU A 139 -4.94 20.78 9.44
CA LEU A 139 -5.81 19.65 9.76
C LEU A 139 -5.93 19.49 11.27
N LYS A 140 -7.15 19.29 11.75
CA LYS A 140 -7.41 19.04 13.16
C LYS A 140 -8.91 18.83 13.33
N SER A 141 -9.29 18.30 14.49
CA SER A 141 -10.69 17.93 14.72
C SER A 141 -11.64 19.12 14.60
N LYS A 142 -11.18 20.32 14.96
CA LYS A 142 -12.06 21.48 14.89
C LYS A 142 -12.31 21.96 13.47
N ASN A 143 -11.46 21.56 12.51
CA ASN A 143 -11.65 21.90 11.11
C ASN A 143 -12.23 20.76 10.29
N ILE A 144 -12.90 19.81 10.95
CA ILE A 144 -13.61 18.73 10.29
C ILE A 144 -15.04 18.73 10.79
N LEU A 145 -16.00 18.70 9.87
CA LEU A 145 -17.42 18.79 10.20
C LEU A 145 -18.08 17.42 10.05
N VAL A 146 -18.99 17.11 10.98
CA VAL A 146 -19.73 15.87 10.94
C VAL A 146 -21.06 16.10 10.22
N LYS A 147 -21.33 15.30 9.20
CA LYS A 147 -22.57 15.40 8.44
C LYS A 147 -23.63 14.47 9.03
N LYS A 148 -24.90 14.81 8.77
CA LYS A 148 -25.99 14.05 9.35
C LYS A 148 -25.92 12.58 9.00
N ASN A 149 -25.40 12.25 7.82
CA ASN A 149 -25.37 10.87 7.35
C ASN A 149 -24.29 10.02 8.00
N GLY A 150 -23.45 10.61 8.87
CA GLY A 150 -22.41 9.87 9.56
C GLY A 150 -21.01 10.09 9.01
N GLN A 151 -20.87 10.77 7.88
CA GLN A 151 -19.58 11.07 7.28
C GLN A 151 -19.13 12.47 7.69
N CYS A 152 -17.89 12.80 7.31
CA CYS A 152 -17.28 14.07 7.63
C CYS A 152 -16.85 14.78 6.34
N CYS A 153 -16.52 16.06 6.49
CA CYS A 153 -15.93 16.83 5.40
C CYS A 153 -14.91 17.81 5.97
N ILE A 154 -13.85 18.04 5.20
CA ILE A 154 -12.79 18.94 5.62
C ILE A 154 -13.18 20.37 5.28
N ALA A 155 -12.88 21.29 6.19
CA ALA A 155 -13.46 22.63 6.11
C ALA A 155 -12.47 23.72 5.73
N ASP A 156 -11.69 24.21 6.70
CA ASP A 156 -11.00 25.48 6.57
C ASP A 156 -9.82 25.35 5.61
N LEU A 157 -9.91 26.00 4.46
CA LEU A 157 -8.86 25.97 3.44
C LEU A 157 -8.14 27.31 3.28
N GLY A 158 -8.28 28.21 4.27
CA GLY A 158 -7.63 29.52 4.17
C GLY A 158 -6.12 29.48 4.19
N LEU A 159 -5.52 28.38 4.65
CA LEU A 159 -4.07 28.25 4.71
C LEU A 159 -3.52 27.25 3.70
N ALA A 160 -4.36 26.70 2.84
CA ALA A 160 -3.91 25.66 1.92
C ALA A 160 -2.89 26.19 0.93
N VAL A 161 -2.04 25.29 0.44
CA VAL A 161 -1.07 25.59 -0.60
C VAL A 161 -1.31 24.64 -1.77
N MET A 162 -0.83 25.04 -2.94
CA MET A 162 -1.07 24.31 -4.18
C MET A 162 0.23 24.04 -4.89
N HIS A 163 0.26 22.94 -5.64
CA HIS A 163 1.40 22.59 -6.48
C HIS A 163 0.88 21.94 -7.76
N SER A 164 1.28 22.49 -8.90
CA SER A 164 0.95 21.93 -10.20
C SER A 164 2.23 21.65 -10.98
N GLN A 165 2.08 20.94 -12.09
CA GLN A 165 3.21 20.64 -12.97
C GLN A 165 3.56 21.90 -13.74
N SER A 166 4.24 22.81 -13.04
CA SER A 166 4.77 24.05 -13.60
C SER A 166 5.50 24.78 -12.47
N THR A 167 6.61 25.47 -12.80
CA THR A 167 7.39 26.11 -11.77
C THR A 167 6.56 27.17 -11.04
N ASN A 168 6.68 27.20 -9.72
CA ASN A 168 5.94 28.15 -8.90
C ASN A 168 6.42 28.15 -7.46
N LEU A 170 4.78 28.79 -2.81
CA LEU A 170 3.50 29.39 -2.44
C LEU A 170 3.45 29.74 -0.96
N ASP A 171 4.60 29.68 -0.30
CA ASP A 171 4.71 30.09 1.10
C ASP A 171 6.10 30.71 1.31
N VAL A 172 6.32 31.21 2.53
CA VAL A 172 7.57 31.87 2.87
C VAL A 172 8.75 30.92 2.73
N PRO A 176 5.70 29.99 6.76
CA PRO A 176 6.64 29.13 7.49
C PRO A 176 5.93 28.05 8.30
N ARG A 177 5.35 28.43 9.44
CA ARG A 177 4.61 27.52 10.31
C ARG A 177 3.39 28.28 10.82
N VAL A 178 2.27 28.12 10.13
CA VAL A 178 1.06 28.90 10.39
C VAL A 178 -0.07 28.03 10.91
N GLY A 179 0.21 26.78 11.30
CA GLY A 179 -0.83 25.88 11.76
C GLY A 179 -1.02 25.90 13.27
N THR A 180 -1.98 25.09 13.71
CA THR A 180 -2.21 24.91 15.14
C THR A 180 -1.03 24.15 15.74
N LYS A 181 -0.37 24.75 16.73
CA LYS A 181 0.87 24.19 17.24
C LYS A 181 0.69 22.79 17.83
N ARG A 182 -0.46 22.53 18.43
CA ARG A 182 -0.69 21.20 19.01
C ARG A 182 -0.57 20.10 17.97
N TYR A 183 -0.83 20.42 16.70
CA TYR A 183 -0.85 19.44 15.62
C TYR A 183 0.38 19.54 14.71
N MET A 184 1.33 20.40 15.05
CA MET A 184 2.51 20.57 14.19
C MET A 184 3.39 19.32 14.23
N ALA A 185 3.93 18.96 13.07
CA ALA A 185 4.77 17.77 12.95
C ALA A 185 6.19 18.07 13.43
N PRO A 186 6.97 17.03 13.71
CA PRO A 186 8.32 17.24 14.25
C PRO A 186 9.20 18.12 13.36
N GLU A 187 9.14 17.95 12.04
CA GLU A 187 9.98 18.76 11.16
C GLU A 187 9.56 20.23 11.13
N VAL A 188 8.36 20.56 11.61
CA VAL A 188 7.97 21.96 11.76
C VAL A 188 8.54 22.52 13.06
N LEU A 189 8.32 21.80 14.16
CA LEU A 189 8.90 22.21 15.44
C LEU A 189 10.42 22.17 15.38
N ASP A 190 10.99 21.18 14.70
CA ASP A 190 12.44 21.12 14.52
C ASP A 190 12.94 22.25 13.63
N GLU A 191 12.07 22.79 12.77
CA GLU A 191 12.48 23.63 11.66
C GLU A 191 13.30 22.86 10.63
N THR A 192 13.27 21.53 10.70
CA THR A 192 13.91 20.68 9.70
C THR A 192 13.12 20.60 8.40
N ILE A 193 11.86 21.06 8.39
CA ILE A 193 11.00 20.87 7.23
C ILE A 193 11.66 21.45 5.98
N GLN A 194 11.59 20.70 4.89
CA GLN A 194 12.07 21.15 3.58
C GLN A 194 10.97 22.01 2.95
N VAL A 195 11.00 23.31 3.24
CA VAL A 195 9.97 24.22 2.76
C VAL A 195 9.90 24.30 1.25
N ASP A 196 10.92 23.81 0.54
CA ASP A 196 10.96 23.89 -0.92
C ASP A 196 10.46 22.63 -1.61
N CYS A 197 10.05 21.62 -0.85
CA CYS A 197 9.51 20.38 -1.40
C CYS A 197 8.04 20.30 -1.02
N PHE A 198 7.16 20.27 -2.02
CA PHE A 198 5.72 20.29 -1.75
C PHE A 198 5.31 19.09 -0.91
N ASP A 199 5.84 17.91 -1.22
CA ASP A 199 5.55 16.72 -0.42
C ASP A 199 5.76 16.98 1.06
N SER A 200 6.66 17.91 1.42
CA SER A 200 6.86 18.24 2.82
C SER A 200 5.55 18.61 3.50
N TYR A 201 4.72 19.40 2.81
CA TYR A 201 3.46 19.84 3.41
C TYR A 201 2.42 18.73 3.42
N LYS A 202 2.44 17.85 2.41
CA LYS A 202 1.56 16.69 2.46
C LYS A 202 1.88 15.82 3.67
N ARG A 203 3.17 15.63 3.97
CA ARG A 203 3.56 14.80 5.10
C ARG A 203 3.24 15.46 6.43
N VAL A 204 3.17 16.80 6.45
CA VAL A 204 2.68 17.49 7.64
C VAL A 204 1.22 17.16 7.88
N ASP A 205 0.41 17.15 6.81
CA ASP A 205 -1.00 16.79 6.94
C ASP A 205 -1.16 15.38 7.48
N ILE A 206 -0.35 14.44 7.01
CA ILE A 206 -0.46 13.06 7.48
C ILE A 206 -0.19 12.98 8.98
N TRP A 207 0.78 13.75 9.47
CA TRP A 207 1.01 13.81 10.91
C TRP A 207 -0.25 14.28 11.63
N ALA A 208 -0.83 15.40 11.17
CA ALA A 208 -2.07 15.88 11.78
C ALA A 208 -3.18 14.85 11.67
N PHE A 209 -3.31 14.22 10.51
CA PHE A 209 -4.33 13.19 10.34
C PHE A 209 -4.14 12.06 11.33
N GLY A 210 -2.89 11.72 11.65
CA GLY A 210 -2.64 10.69 12.64
C GLY A 210 -3.17 11.05 14.01
N LEU A 211 -3.00 12.33 14.40
CA LEU A 211 -3.56 12.78 15.67
C LEU A 211 -5.08 12.68 15.68
N VAL A 212 -5.71 13.02 14.55
CA VAL A 212 -7.17 12.97 14.49
C VAL A 212 -7.67 11.52 14.57
N LEU A 213 -6.96 10.60 13.93
CA LEU A 213 -7.28 9.18 14.09
C LEU A 213 -7.28 8.79 15.56
N TRP A 214 -6.23 9.18 16.28
CA TRP A 214 -6.16 8.93 17.72
C TRP A 214 -7.38 9.49 18.44
N GLU A 215 -7.72 10.76 18.16
CA GLU A 215 -8.88 11.39 18.80
C GLU A 215 -10.13 10.56 18.61
N VAL A 216 -10.37 10.09 17.37
CA VAL A 216 -11.60 9.36 17.07
C VAL A 216 -11.59 7.99 17.72
N ALA A 217 -10.46 7.27 17.62
CA ALA A 217 -10.39 5.91 18.12
C ALA A 217 -10.73 5.85 19.61
N ARG A 218 -10.23 6.81 20.39
CA ARG A 218 -10.53 6.82 21.83
C ARG A 218 -12.03 6.73 22.09
N ARG A 219 -12.85 7.22 21.17
CA ARG A 219 -14.29 7.29 21.38
C ARG A 219 -15.04 6.07 20.85
N MET A 220 -14.37 5.14 20.17
CA MET A 220 -15.01 3.92 19.72
C MET A 220 -15.09 2.93 20.87
N VAL A 221 -16.31 2.55 21.24
CA VAL A 221 -16.53 1.61 22.34
C VAL A 221 -16.17 0.21 21.87
N SER A 222 -15.53 -0.56 22.76
CA SER A 222 -15.22 -1.96 22.49
C SER A 222 -15.12 -2.69 23.81
N ASN A 223 -15.72 -3.89 23.87
CA ASN A 223 -15.75 -4.69 25.09
C ASN A 223 -16.32 -3.91 26.27
N GLY A 224 -17.24 -2.99 25.98
CA GLY A 224 -17.90 -2.22 27.01
C GLY A 224 -17.11 -1.06 27.57
N ILE A 225 -15.97 -0.71 26.97
CA ILE A 225 -15.11 0.34 27.48
C ILE A 225 -14.85 1.36 26.38
N VAL A 226 -14.59 2.60 26.78
CA VAL A 226 -14.26 3.70 25.88
C VAL A 226 -13.40 4.69 26.65
N GLU A 227 -12.80 5.63 25.92
CA GLU A 227 -11.98 6.67 26.51
C GLU A 227 -12.67 8.01 26.39
N ASP A 228 -12.61 8.82 27.45
CA ASP A 228 -13.07 10.19 27.35
C ASP A 228 -12.35 10.89 26.21
N TYR A 229 -13.02 11.86 25.60
CA TYR A 229 -12.31 12.67 24.62
C TYR A 229 -11.20 13.45 25.31
N LYS A 230 -10.09 13.60 24.63
CA LYS A 230 -9.00 14.47 25.04
C LYS A 230 -8.26 14.91 23.79
N PRO A 231 -7.64 16.09 23.80
CA PRO A 231 -6.86 16.52 22.64
C PRO A 231 -5.55 15.74 22.55
N PRO A 232 -4.92 15.71 21.39
CA PRO A 232 -3.59 15.11 21.29
C PRO A 232 -2.62 15.78 22.24
N PHE A 233 -1.90 14.96 23.00
CA PHE A 233 -0.90 15.44 23.96
C PHE A 233 -1.55 16.12 25.16
N TYR A 234 -2.76 15.69 25.52
CA TYR A 234 -3.46 16.31 26.64
C TYR A 234 -2.70 16.14 27.94
N ASP A 235 -1.87 15.11 28.04
CA ASP A 235 -1.25 14.71 29.30
C ASP A 235 0.12 15.32 29.53
N VAL A 236 0.71 15.98 28.52
CA VAL A 236 2.09 16.44 28.62
C VAL A 236 2.26 17.90 28.22
N VAL A 237 1.20 18.58 27.78
CA VAL A 237 1.30 20.00 27.44
C VAL A 237 0.08 20.72 27.97
N PRO A 238 0.25 21.99 28.34
CA PRO A 238 -0.88 22.77 28.85
C PRO A 238 -1.79 23.22 27.72
N ASN A 239 -2.93 23.77 28.11
CA ASN A 239 -3.84 24.35 27.13
C ASN A 239 -3.12 25.47 26.38
N ASP A 240 -3.43 25.60 25.09
CA ASP A 240 -2.78 26.56 24.21
C ASP A 240 -1.25 26.46 24.35
N PRO A 241 -0.66 25.31 24.02
CA PRO A 241 0.78 25.15 24.21
C PRO A 241 1.59 26.08 23.32
N SER A 242 2.75 26.48 23.82
CA SER A 242 3.65 27.33 23.04
C SER A 242 4.45 26.49 22.06
N PHE A 243 5.15 27.17 21.15
CA PHE A 243 5.99 26.46 20.20
C PHE A 243 7.07 25.65 20.91
N GLU A 244 7.65 26.21 21.97
CA GLU A 244 8.71 25.52 22.69
C GLU A 244 8.18 24.30 23.45
N ASP A 245 6.94 24.38 23.96
CA ASP A 245 6.36 23.23 24.67
C ASP A 245 6.20 22.03 23.74
N MET A 246 5.72 22.27 22.51
CA MET A 246 5.52 21.16 21.57
C MET A 246 6.85 20.58 21.12
N ARG A 247 7.82 21.43 20.82
CA ARG A 247 9.13 20.93 20.39
C ARG A 247 9.74 20.02 21.45
N LYS A 248 9.54 20.35 22.73
CA LYS A 248 10.10 19.54 23.80
C LYS A 248 9.44 18.16 23.87
N VAL A 249 8.13 18.12 23.68
CA VAL A 249 7.40 16.85 23.77
C VAL A 249 7.62 15.99 22.54
N VAL A 250 7.57 16.60 21.35
CA VAL A 250 7.59 15.84 20.11
C VAL A 250 9.03 15.53 19.69
N CYS A 251 9.90 16.55 19.71
CA CYS A 251 11.25 16.39 19.17
C CYS A 251 12.24 15.87 20.21
N VAL A 252 12.35 16.56 21.35
CA VAL A 252 13.35 16.20 22.34
C VAL A 252 12.94 14.93 23.08
N ASP A 253 11.72 14.92 23.63
CA ASP A 253 11.24 13.73 24.32
C ASP A 253 10.66 12.69 23.37
N GLN A 254 10.42 13.06 22.11
CA GLN A 254 9.89 12.14 21.09
C GLN A 254 8.65 11.41 21.61
N GLN A 255 7.76 12.17 22.22
CA GLN A 255 6.50 11.62 22.72
C GLN A 255 5.51 11.40 21.60
N ARG A 256 4.60 10.46 21.81
CA ARG A 256 3.50 10.16 20.91
C ARG A 256 2.29 9.78 21.75
N PRO A 257 1.08 10.05 21.27
CA PRO A 257 -0.12 9.66 22.03
C PRO A 257 -0.05 8.19 22.41
N ASN A 258 -0.35 7.91 23.68
CA ASN A 258 -0.29 6.54 24.19
C ASN A 258 -1.49 5.74 23.70
N ILE A 259 -1.24 4.48 23.36
CA ILE A 259 -2.27 3.59 22.85
C ILE A 259 -2.85 2.80 24.02
N PRO A 260 -4.13 2.96 24.35
CA PRO A 260 -4.71 2.15 25.42
C PRO A 260 -4.61 0.67 25.11
N ASN A 261 -4.47 -0.13 26.15
CA ASN A 261 -4.34 -1.57 25.97
C ASN A 261 -5.63 -2.20 25.44
N ARG A 262 -6.78 -1.54 25.64
CA ARG A 262 -8.03 -2.09 25.15
C ARG A 262 -8.10 -2.12 23.62
N TRP A 263 -7.37 -1.23 22.96
CA TRP A 263 -7.44 -1.16 21.50
C TRP A 263 -7.03 -2.47 20.85
N PHE A 264 -6.18 -3.26 21.51
CA PHE A 264 -5.67 -4.48 20.91
C PHE A 264 -6.62 -5.66 21.05
N SER A 265 -7.66 -5.54 21.87
CA SER A 265 -8.70 -6.55 21.97
C SER A 265 -9.84 -6.31 20.98
N ASP A 266 -9.66 -5.38 20.05
CA ASP A 266 -10.63 -5.11 19.01
C ASP A 266 -9.89 -5.10 17.67
N PRO A 267 -10.42 -5.77 16.64
CA PRO A 267 -9.73 -5.74 15.34
C PRO A 267 -9.65 -4.35 14.74
N THR A 268 -10.77 -3.62 14.69
CA THR A 268 -10.78 -2.28 14.12
C THR A 268 -9.75 -1.39 14.80
N LEU A 269 -9.84 -1.27 16.13
CA LEU A 269 -8.93 -0.40 16.86
C LEU A 269 -7.47 -0.79 16.67
N THR A 270 -7.19 -2.09 16.51
CA THR A 270 -5.81 -2.51 16.29
C THR A 270 -5.31 -2.03 14.93
N SER A 271 -6.14 -2.16 13.89
CA SER A 271 -5.76 -1.65 12.57
C SER A 271 -5.51 -0.15 12.62
N LEU A 272 -6.40 0.60 13.28
CA LEU A 272 -6.21 2.03 13.40
C LEU A 272 -4.90 2.36 14.13
N ALA A 273 -4.59 1.61 15.19
CA ALA A 273 -3.36 1.84 15.93
C ALA A 273 -2.15 1.79 15.00
N LYS A 274 -2.07 0.76 14.16
CA LYS A 274 -0.95 0.66 13.23
C LYS A 274 -0.95 1.79 12.21
N LEU A 275 -2.14 2.24 11.79
CA LEU A 275 -2.21 3.37 10.87
C LEU A 275 -1.67 4.64 11.52
N MET A 276 -2.18 4.97 12.71
CA MET A 276 -1.68 6.15 13.43
C MET A 276 -0.16 6.13 13.50
N LYS A 277 0.41 5.07 14.07
CA LYS A 277 1.85 4.99 14.27
C LYS A 277 2.60 5.23 12.95
N GLU A 278 2.07 4.71 11.85
CA GLU A 278 2.68 4.93 10.54
C GLU A 278 2.46 6.36 10.02
N CYS A 279 1.70 7.18 10.73
CA CYS A 279 1.59 8.60 10.44
C CYS A 279 2.52 9.45 11.30
N TRP A 280 3.25 8.82 12.22
CA TRP A 280 3.98 9.53 13.26
C TRP A 280 5.49 9.35 13.19
N TYR A 281 6.01 8.65 12.20
CA TYR A 281 7.46 8.52 12.06
C TYR A 281 8.12 9.88 12.10
N GLN A 282 9.20 9.99 12.87
CA GLN A 282 9.96 11.23 12.88
C GLN A 282 10.42 11.61 11.49
N ASN A 283 10.69 10.61 10.65
CA ASN A 283 11.13 10.85 9.28
C ASN A 283 9.91 11.02 8.38
N PRO A 284 9.70 12.19 7.79
CA PRO A 284 8.47 12.39 6.99
C PRO A 284 8.35 11.45 5.80
N SER A 285 9.48 11.12 5.15
CA SER A 285 9.44 10.23 4.01
C SER A 285 8.89 8.86 4.39
N ALA A 286 8.99 8.48 5.66
CA ALA A 286 8.53 7.17 6.10
C ALA A 286 7.02 7.11 6.34
N ARG A 287 6.33 8.24 6.36
CA ARG A 287 4.91 8.27 6.67
C ARG A 287 4.09 7.83 5.47
N LEU A 288 2.94 7.22 5.76
CA LEU A 288 2.01 6.82 4.71
C LEU A 288 1.55 8.03 3.91
N THR A 289 0.99 7.76 2.74
CA THR A 289 0.32 8.76 1.94
C THR A 289 -1.18 8.74 2.21
N ALA A 290 -1.85 9.83 1.85
CA ALA A 290 -3.31 9.88 2.02
C ALA A 290 -3.98 8.72 1.29
N LEU A 291 -3.52 8.41 0.07
CA LEU A 291 -4.16 7.36 -0.71
C LEU A 291 -4.02 6.01 -0.03
N ARG A 292 -2.80 5.66 0.42
CA ARG A 292 -2.62 4.35 1.04
C ARG A 292 -3.36 4.24 2.36
N ILE A 293 -3.55 5.36 3.06
CA ILE A 293 -4.39 5.35 4.25
C ILE A 293 -5.84 5.08 3.88
N LYS A 294 -6.30 5.64 2.76
CA LYS A 294 -7.65 5.35 2.29
C LYS A 294 -7.81 3.87 1.96
N LYS A 295 -6.86 3.33 1.19
CA LYS A 295 -6.92 1.91 0.81
C LYS A 295 -6.97 1.02 2.05
N THR A 296 -6.03 1.21 2.97
CA THR A 296 -6.02 0.41 4.20
C THR A 296 -7.36 0.51 4.93
N LEU A 297 -7.87 1.73 5.08
CA LEU A 297 -9.13 1.91 5.79
C LEU A 297 -10.28 1.22 5.06
N THR A 298 -10.26 1.24 3.72
CA THR A 298 -11.34 0.62 2.95
C THR A 298 -11.37 -0.90 3.12
N LYS A 299 -10.25 -1.52 3.47
CA LYS A 299 -10.19 -2.96 3.62
C LYS A 299 -10.59 -3.46 5.01
N ILE A 300 -10.79 -2.56 5.96
CA ILE A 300 -11.14 -2.96 7.32
C ILE A 300 -12.60 -3.40 7.36
N ASP A 301 -12.85 -4.55 7.96
CA ASP A 301 -14.20 -5.07 8.09
C ASP A 301 -14.87 -5.23 6.72
N THR B 5 54.31 22.77 -1.75
CA THR B 5 55.52 22.14 -1.26
C THR B 5 55.74 20.77 -1.91
N VAL B 6 54.72 20.27 -2.61
CA VAL B 6 54.74 18.96 -3.24
C VAL B 6 54.08 19.06 -4.61
N ALA B 7 54.27 18.02 -5.41
CA ALA B 7 53.67 17.92 -6.74
C ALA B 7 53.31 16.47 -6.99
N ARG B 8 53.07 16.12 -8.25
CA ARG B 8 52.68 14.77 -8.65
C ARG B 8 53.51 14.35 -9.85
N ASP B 9 54.26 13.26 -9.70
CA ASP B 9 55.13 12.71 -10.75
C ASP B 9 54.50 11.42 -11.27
N ILE B 10 53.62 11.57 -12.26
CA ILE B 10 52.90 10.46 -12.85
C ILE B 10 53.41 10.23 -14.26
N THR B 11 53.42 8.97 -14.69
CA THR B 11 53.80 8.61 -16.05
C THR B 11 52.53 8.32 -16.84
N LEU B 12 52.28 9.12 -17.88
CA LEU B 12 51.10 8.95 -18.72
C LEU B 12 51.39 7.90 -19.79
N LEU B 13 50.69 6.76 -19.72
CA LEU B 13 50.92 5.65 -20.63
C LEU B 13 49.96 5.67 -21.82
N GLU B 14 48.66 5.66 -21.55
CA GLU B 14 47.66 5.59 -22.60
C GLU B 14 46.53 6.57 -22.31
N CYS B 15 45.86 7.00 -23.38
CA CYS B 15 44.72 7.91 -23.29
C CYS B 15 43.45 7.11 -23.54
N VAL B 16 42.62 7.00 -22.50
CA VAL B 16 41.43 6.16 -22.58
C VAL B 16 40.15 6.94 -22.88
N GLY B 17 40.18 8.26 -22.83
CA GLY B 17 38.98 9.04 -23.07
C GLY B 17 39.30 10.46 -23.46
N LYS B 18 38.40 11.06 -24.25
CA LYS B 18 38.53 12.45 -24.66
C LYS B 18 37.13 13.01 -24.87
N GLY B 19 36.99 14.31 -24.62
CA GLY B 19 35.70 14.96 -24.80
C GLY B 19 35.75 16.39 -24.32
N ARG B 20 34.56 17.01 -24.27
CA ARG B 20 34.45 18.38 -23.81
C ARG B 20 34.98 18.54 -22.39
N TYR B 21 34.82 17.52 -21.56
CA TYR B 21 35.34 17.57 -20.19
C TYR B 21 36.86 17.70 -20.19
N GLY B 22 37.54 16.96 -21.06
CA GLY B 22 38.98 16.99 -21.13
C GLY B 22 39.57 15.70 -21.65
N GLU B 23 40.29 14.99 -20.80
CA GLU B 23 40.90 13.71 -21.16
C GLU B 23 41.00 12.83 -19.94
N VAL B 24 41.03 11.52 -20.17
CA VAL B 24 41.33 10.53 -19.15
C VAL B 24 42.48 9.68 -19.65
N TRP B 25 43.43 9.40 -18.77
CA TRP B 25 44.65 8.70 -19.13
C TRP B 25 44.93 7.58 -18.14
N ARG B 26 45.34 6.42 -18.67
CA ARG B 26 45.94 5.40 -17.83
C ARG B 26 47.40 5.76 -17.59
N GLY B 27 47.80 5.81 -16.31
CA GLY B 27 49.14 6.20 -15.95
C GLY B 27 49.74 5.24 -14.94
N SER B 28 51.02 5.42 -14.71
CA SER B 28 51.76 4.63 -13.73
C SER B 28 52.16 5.52 -12.56
N TRP B 29 51.87 5.05 -11.34
CA TRP B 29 52.25 5.75 -10.12
C TRP B 29 52.67 4.68 -9.12
N GLN B 30 53.98 4.57 -8.89
CA GLN B 30 54.52 3.49 -8.06
C GLN B 30 54.24 2.14 -8.70
N GLY B 31 54.37 2.07 -10.02
CA GLY B 31 54.16 0.84 -10.76
C GLY B 31 52.70 0.49 -10.99
N GLU B 32 51.83 0.91 -10.08
CA GLU B 32 50.43 0.55 -10.15
C GLU B 32 49.67 1.46 -11.11
N ASN B 33 48.64 0.90 -11.75
CA ASN B 33 47.83 1.66 -12.69
C ASN B 33 46.93 2.64 -11.97
N VAL B 34 46.75 3.82 -12.57
CA VAL B 34 45.85 4.84 -12.05
C VAL B 34 45.17 5.53 -13.23
N ALA B 35 43.97 6.04 -12.97
CA ALA B 35 43.24 6.84 -13.94
C ALA B 35 43.39 8.32 -13.59
N VAL B 36 43.83 9.11 -14.57
CA VAL B 36 44.03 10.54 -14.38
C VAL B 36 43.11 11.27 -15.34
N LYS B 37 42.30 12.18 -14.80
CA LYS B 37 41.39 12.98 -15.59
C LYS B 37 42.01 14.36 -15.78
N ILE B 38 42.16 14.78 -17.04
CA ILE B 38 42.76 16.06 -17.39
C ILE B 38 41.61 17.01 -17.72
N PHE B 39 41.22 17.83 -16.74
CA PHE B 39 40.11 18.75 -16.95
C PHE B 39 40.54 19.91 -17.84
N SER B 40 39.74 20.17 -18.88
CA SER B 40 39.89 21.42 -19.60
C SER B 40 39.49 22.58 -18.70
N SER B 41 39.93 23.78 -19.06
CA SER B 41 39.67 24.94 -18.22
C SER B 41 38.17 25.24 -18.15
N ARG B 42 37.41 24.83 -19.16
CA ARG B 42 35.97 25.07 -19.15
C ARG B 42 35.27 24.30 -18.03
N ASP B 43 35.86 23.20 -17.56
CA ASP B 43 35.24 22.35 -16.55
C ASP B 43 35.95 22.46 -15.19
N GLU B 44 36.58 23.59 -14.92
CA GLU B 44 37.31 23.76 -13.67
C GLU B 44 36.40 23.54 -12.47
N LYS B 45 35.19 24.10 -12.50
CA LYS B 45 34.27 23.94 -11.38
C LYS B 45 33.86 22.49 -11.18
N SER B 46 33.84 21.69 -12.26
CA SER B 46 33.61 20.27 -12.11
C SER B 46 34.77 19.59 -11.40
N TRP B 47 36.00 20.00 -11.73
CA TRP B 47 37.17 19.44 -11.06
C TRP B 47 37.13 19.71 -9.56
N PHE B 48 36.87 20.96 -9.17
CA PHE B 48 36.88 21.29 -7.75
C PHE B 48 35.75 20.58 -7.02
N ARG B 49 34.56 20.53 -7.63
CA ARG B 49 33.44 19.84 -7.00
C ARG B 49 33.80 18.38 -6.71
N GLU B 50 34.31 17.68 -7.71
CA GLU B 50 34.71 16.29 -7.50
C GLU B 50 35.82 16.18 -6.47
N THR B 51 36.81 17.06 -6.55
CA THR B 51 37.85 17.11 -5.53
C THR B 51 37.25 17.38 -4.16
N GLU B 52 36.36 18.35 -4.08
CA GLU B 52 35.81 18.76 -2.78
C GLU B 52 35.04 17.64 -2.12
N LEU B 53 34.27 16.87 -2.89
CA LEU B 53 33.55 15.73 -2.33
C LEU B 53 34.53 14.66 -1.84
N TYR B 54 35.63 14.46 -2.57
CA TYR B 54 36.65 13.52 -2.12
C TYR B 54 37.47 14.09 -0.96
N ASN B 55 37.83 15.37 -1.05
CA ASN B 55 38.62 15.99 0.02
C ASN B 55 37.84 16.05 1.33
N THR B 56 36.66 16.65 1.29
CA THR B 56 35.91 16.99 2.49
C THR B 56 35.00 15.86 2.94
N VAL B 57 34.17 15.35 2.05
CA VAL B 57 33.23 14.29 2.40
C VAL B 57 33.98 12.97 2.48
N MET B 58 33.60 12.14 3.45
CA MET B 58 34.16 10.80 3.54
C MET B 58 33.56 9.94 2.43
N LEU B 59 33.96 10.20 1.19
CA LEU B 59 33.33 9.59 0.02
C LEU B 59 34.16 8.40 -0.42
N ARG B 60 33.91 7.27 0.25
CA ARG B 60 34.55 6.00 -0.09
C ARG B 60 33.52 4.90 0.07
N HIS B 61 33.46 4.02 -0.93
CA HIS B 61 32.48 2.94 -0.94
C HIS B 61 32.87 1.95 -2.03
N GLU B 62 32.46 0.69 -1.84
CA GLU B 62 32.86 -0.36 -2.77
C GLU B 62 32.44 -0.06 -4.19
N ASN B 63 31.38 0.74 -4.38
CA ASN B 63 30.80 0.96 -5.70
C ASN B 63 30.89 2.40 -6.16
N ILE B 64 31.76 3.20 -5.54
N ILE B 64 31.77 3.19 -5.54
CA ILE B 64 32.04 4.56 -5.96
CA ILE B 64 32.05 4.56 -5.96
C ILE B 64 33.51 4.64 -6.36
C ILE B 64 33.51 4.64 -6.36
N LEU B 65 33.77 5.32 -7.48
CA LEU B 65 35.13 5.42 -7.99
C LEU B 65 36.09 5.89 -6.90
N GLY B 66 37.15 5.13 -6.71
CA GLY B 66 38.09 5.39 -5.63
C GLY B 66 39.00 6.58 -5.88
N PHE B 67 38.96 7.54 -4.97
CA PHE B 67 39.80 8.72 -5.08
C PHE B 67 41.23 8.42 -4.64
N ILE B 68 42.20 9.01 -5.33
CA ILE B 68 43.60 8.88 -4.94
C ILE B 68 44.15 10.26 -4.61
N ALA B 69 44.15 11.17 -5.58
CA ALA B 69 44.73 12.48 -5.37
C ALA B 69 44.15 13.46 -6.38
N SER B 70 44.33 14.75 -6.08
CA SER B 70 43.97 15.83 -7.00
C SER B 70 45.02 16.92 -6.88
N ASP B 71 45.38 17.52 -8.02
CA ASP B 71 46.41 18.54 -8.05
C ASP B 71 46.02 19.65 -9.02
N MET B 72 46.37 20.88 -8.66
CA MET B 72 46.21 22.01 -9.55
C MET B 72 47.40 22.95 -9.41
N THR B 73 47.92 23.41 -10.55
CA THR B 73 48.94 24.44 -10.59
C THR B 73 48.49 25.48 -11.60
N SER B 74 48.53 26.76 -11.22
CA SER B 74 47.96 27.83 -12.02
C SER B 74 48.89 29.03 -12.02
N ARG B 75 49.34 29.42 -13.20
CA ARG B 75 50.05 30.67 -13.43
C ARG B 75 49.29 31.48 -14.46
N HIS B 76 49.73 32.73 -14.66
CA HIS B 76 49.08 33.58 -15.64
C HIS B 76 49.11 32.96 -17.04
N SER B 77 50.11 32.11 -17.30
CA SER B 77 50.24 31.53 -18.64
C SER B 77 49.15 30.49 -18.89
N SER B 78 49.04 29.50 -18.01
CA SER B 78 48.04 28.44 -18.18
C SER B 78 47.86 27.73 -16.85
N THR B 79 46.86 26.84 -16.81
CA THR B 79 46.51 26.12 -15.61
C THR B 79 46.27 24.65 -15.93
N GLN B 80 46.61 23.78 -14.98
CA GLN B 80 46.45 22.33 -15.14
C GLN B 80 45.66 21.79 -13.96
N LEU B 81 44.68 20.94 -14.25
CA LEU B 81 43.78 20.38 -13.25
C LEU B 81 43.76 18.87 -13.39
N TRP B 82 44.27 18.16 -12.38
CA TRP B 82 44.39 16.70 -12.42
C TRP B 82 43.56 16.08 -11.30
N LEU B 83 42.81 15.03 -11.64
CA LEU B 83 42.12 14.20 -10.68
C LEU B 83 42.59 12.76 -10.86
N ILE B 84 43.05 12.13 -9.78
CA ILE B 84 43.69 10.83 -9.82
C ILE B 84 42.85 9.84 -9.03
N THR B 85 42.35 8.81 -9.70
CA THR B 85 41.54 7.78 -9.09
C THR B 85 42.12 6.41 -9.41
N HIS B 86 41.52 5.37 -8.82
CA HIS B 86 41.90 4.01 -9.14
C HIS B 86 41.54 3.70 -10.59
N TYR B 87 42.28 2.75 -11.17
CA TYR B 87 42.10 2.38 -12.57
C TYR B 87 41.30 1.08 -12.65
N HIS B 88 40.46 0.98 -13.67
CA HIS B 88 39.62 -0.20 -13.91
C HIS B 88 39.73 -0.56 -15.39
N GLU B 89 40.63 -1.50 -15.68
CA GLU B 89 40.92 -1.83 -17.07
C GLU B 89 39.68 -2.20 -17.87
N MET B 90 38.66 -2.74 -17.20
CA MET B 90 37.49 -3.25 -17.92
C MET B 90 36.74 -2.15 -18.65
N GLY B 91 36.92 -0.89 -18.27
CA GLY B 91 36.25 0.21 -18.94
C GLY B 91 34.93 0.57 -18.30
N SER B 92 34.19 1.40 -19.02
CA SER B 92 32.87 1.82 -18.54
C SER B 92 31.83 0.76 -18.87
N LEU B 93 30.70 0.83 -18.15
CA LEU B 93 29.59 -0.07 -18.44
C LEU B 93 29.17 0.03 -19.90
N TYR B 94 29.21 1.24 -20.47
CA TYR B 94 28.83 1.42 -21.86
C TYR B 94 29.77 0.66 -22.80
N ASP B 95 31.06 0.66 -22.49
CA ASP B 95 32.02 -0.08 -23.33
C ASP B 95 31.85 -1.59 -23.13
N TYR B 96 31.72 -2.02 -21.88
CA TYR B 96 31.64 -3.44 -21.58
C TYR B 96 30.47 -4.10 -22.30
N LEU B 97 29.28 -3.51 -22.18
CA LEU B 97 28.08 -4.07 -22.80
C LEU B 97 28.11 -4.01 -24.32
N GLN B 98 29.09 -3.33 -24.91
CA GLN B 98 29.13 -3.20 -26.36
C GLN B 98 29.35 -4.55 -27.05
N LEU B 99 30.21 -5.39 -26.48
CA LEU B 99 30.54 -6.68 -27.06
C LEU B 99 30.30 -7.85 -26.12
N THR B 100 29.75 -7.61 -24.93
CA THR B 100 29.54 -8.65 -23.93
C THR B 100 28.05 -8.81 -23.66
N THR B 101 27.60 -10.06 -23.60
CA THR B 101 26.26 -10.38 -23.13
C THR B 101 26.34 -10.85 -21.68
N LEU B 102 25.17 -11.02 -21.07
CA LEU B 102 25.09 -11.31 -19.64
C LEU B 102 24.18 -12.49 -19.40
N ASP B 103 24.13 -12.91 -18.13
CA ASP B 103 23.19 -13.92 -17.66
C ASP B 103 22.62 -13.46 -16.34
N THR B 104 21.71 -14.25 -15.77
CA THR B 104 21.00 -13.85 -14.56
C THR B 104 21.97 -13.40 -13.47
N VAL B 105 23.07 -14.12 -13.29
CA VAL B 105 23.96 -13.85 -12.17
C VAL B 105 24.77 -12.57 -12.41
N SER B 106 25.34 -12.43 -13.61
CA SER B 106 26.16 -11.26 -13.90
C SER B 106 25.31 -10.00 -14.02
N CYS B 107 24.19 -10.08 -14.73
CA CYS B 107 23.30 -8.93 -14.87
C CYS B 107 22.88 -8.39 -13.51
N LEU B 108 22.43 -9.28 -12.62
CA LEU B 108 21.99 -8.85 -11.30
C LEU B 108 23.13 -8.29 -10.47
N ARG B 109 24.35 -8.82 -10.65
CA ARG B 109 25.48 -8.29 -9.89
C ARG B 109 25.84 -6.89 -10.36
N ILE B 110 25.71 -6.63 -11.66
CA ILE B 110 25.96 -5.29 -12.19
C ILE B 110 24.93 -4.30 -11.65
N VAL B 111 23.65 -4.56 -11.91
CA VAL B 111 22.62 -3.58 -11.55
C VAL B 111 22.52 -3.42 -10.05
N LEU B 112 22.62 -4.53 -9.29
CA LEU B 112 22.61 -4.42 -7.84
C LEU B 112 23.83 -3.64 -7.34
N SER B 113 24.96 -3.76 -8.03
CA SER B 113 26.15 -3.00 -7.66
C SER B 113 25.88 -1.50 -7.79
N ILE B 114 25.38 -1.07 -8.95
CA ILE B 114 25.12 0.34 -9.20
C ILE B 114 24.14 0.89 -8.17
N ALA B 115 23.15 0.10 -7.78
CA ALA B 115 22.17 0.57 -6.80
C ALA B 115 22.81 0.72 -5.43
N SER B 116 23.59 -0.29 -5.00
CA SER B 116 24.22 -0.22 -3.69
C SER B 116 25.05 1.04 -3.53
N GLY B 117 25.71 1.48 -4.60
CA GLY B 117 26.49 2.70 -4.56
C GLY B 117 25.65 3.95 -4.69
N LEU B 118 24.64 3.92 -5.56
CA LEU B 118 23.74 5.07 -5.67
C LEU B 118 22.98 5.30 -4.38
N ALA B 119 22.55 4.23 -3.72
CA ALA B 119 21.86 4.38 -2.45
C ALA B 119 22.77 4.98 -1.39
N HIS B 120 24.00 4.46 -1.28
CA HIS B 120 24.97 5.05 -0.37
C HIS B 120 25.23 6.51 -0.72
N LEU B 121 25.21 6.84 -2.02
CA LEU B 121 25.35 8.23 -2.45
C LEU B 121 24.20 9.09 -1.94
N HIS B 122 22.97 8.59 -2.07
CA HIS B 122 21.79 9.39 -1.76
C HIS B 122 21.60 9.56 -0.25
N ILE B 123 21.92 8.54 0.53
CA ILE B 123 21.58 8.53 1.94
C ILE B 123 22.54 9.42 2.71
N GLU B 124 21.99 10.23 3.63
CA GLU B 124 22.81 11.01 4.54
C GLU B 124 23.17 10.17 5.77
N ILE B 125 24.41 10.31 6.22
CA ILE B 125 24.92 9.58 7.37
C ILE B 125 25.26 10.59 8.46
N PHE B 126 24.81 10.32 9.68
CA PHE B 126 25.03 11.21 10.80
C PHE B 126 26.13 10.69 11.71
N GLY B 127 26.72 11.61 12.47
CA GLY B 127 27.86 11.33 13.31
C GLY B 127 29.10 12.09 12.86
N THR B 128 30.15 11.96 13.68
CA THR B 128 31.40 12.63 13.37
C THR B 128 31.97 12.17 12.04
N GLN B 129 31.79 10.90 11.69
CA GLN B 129 32.33 10.33 10.47
C GLN B 129 31.31 10.25 9.34
N GLY B 130 30.09 10.73 9.56
CA GLY B 130 29.04 10.64 8.57
C GLY B 130 29.31 11.53 7.36
N LYS B 131 28.31 11.61 6.50
CA LYS B 131 28.39 12.35 5.25
C LYS B 131 27.05 12.97 4.94
N PRO B 132 27.02 14.00 4.10
CA PRO B 132 25.75 14.57 3.65
C PRO B 132 25.14 13.73 2.55
N ALA B 133 23.86 13.99 2.28
CA ALA B 133 23.18 13.35 1.17
C ALA B 133 23.65 13.97 -0.15
N ILE B 134 23.96 13.11 -1.12
CA ILE B 134 24.52 13.53 -2.40
C ILE B 134 23.62 13.04 -3.53
N ALA B 135 23.36 13.92 -4.49
CA ALA B 135 22.74 13.56 -5.75
C ALA B 135 23.77 13.65 -6.87
N HIS B 136 23.78 12.64 -7.74
CA HIS B 136 24.79 12.57 -8.79
C HIS B 136 24.54 13.61 -9.88
N ARG B 137 23.42 13.48 -10.59
CA ARG B 137 22.91 14.41 -11.60
C ARG B 137 23.46 14.15 -12.99
N ASP B 138 24.36 13.19 -13.18
CA ASP B 138 24.80 12.81 -14.52
C ASP B 138 25.07 11.31 -14.56
N LEU B 139 24.12 10.53 -14.03
CA LEU B 139 24.25 9.09 -14.01
C LEU B 139 23.95 8.53 -15.40
N LYS B 140 24.81 7.63 -15.87
CA LYS B 140 24.64 7.02 -17.17
C LYS B 140 25.71 5.94 -17.34
N SER B 141 25.58 5.15 -18.41
CA SER B 141 26.43 3.98 -18.57
C SER B 141 27.90 4.36 -18.70
N LYS B 142 28.21 5.45 -19.41
CA LYS B 142 29.60 5.86 -19.58
C LYS B 142 30.23 6.36 -18.30
N ASN B 143 29.44 6.79 -17.33
CA ASN B 143 29.94 7.19 -16.03
C ASN B 143 29.91 6.06 -15.00
N ILE B 144 29.63 4.84 -15.44
CA ILE B 144 29.66 3.66 -14.58
C ILE B 144 30.77 2.75 -15.07
N LEU B 145 31.67 2.38 -14.17
CA LEU B 145 32.82 1.54 -14.50
C LEU B 145 32.60 0.11 -14.02
N VAL B 146 32.93 -0.84 -14.88
CA VAL B 146 32.85 -2.25 -14.53
C VAL B 146 34.16 -2.67 -13.88
N LYS B 147 34.08 -3.25 -12.69
CA LYS B 147 35.25 -3.74 -11.99
C LYS B 147 35.55 -5.18 -12.41
N LYS B 148 36.75 -5.65 -12.04
CA LYS B 148 37.16 -6.99 -12.42
C LYS B 148 36.27 -8.05 -11.79
N ASN B 149 35.87 -7.84 -10.54
CA ASN B 149 35.10 -8.84 -9.81
C ASN B 149 33.64 -8.93 -10.28
N GLY B 150 33.25 -8.20 -11.32
CA GLY B 150 31.90 -8.22 -11.83
C GLY B 150 31.03 -7.07 -11.36
N GLN B 151 31.37 -6.45 -10.24
CA GLN B 151 30.65 -5.29 -9.75
C GLN B 151 31.01 -4.05 -10.57
N CYS B 152 30.32 -2.95 -10.29
CA CYS B 152 30.57 -1.67 -10.92
C CYS B 152 30.87 -0.63 -9.86
N CYS B 153 31.27 0.56 -10.33
CA CYS B 153 31.44 1.71 -9.46
C CYS B 153 31.05 2.96 -10.24
N ILE B 154 30.32 3.86 -9.57
CA ILE B 154 29.89 5.11 -10.18
C ILE B 154 31.03 6.12 -10.11
N ALA B 155 31.17 6.93 -11.16
CA ALA B 155 32.39 7.69 -11.38
C ALA B 155 32.20 9.20 -11.24
N ASP B 156 31.54 9.86 -12.18
CA ASP B 156 31.64 11.30 -12.33
C ASP B 156 30.77 12.02 -11.30
N LEU B 157 31.40 12.76 -10.38
CA LEU B 157 30.70 13.55 -9.38
C LEU B 157 30.82 15.05 -9.63
N GLY B 158 31.19 15.44 -10.84
CA GLY B 158 31.42 16.86 -11.10
C GLY B 158 30.20 17.73 -10.86
N LEU B 159 29.01 17.20 -11.13
CA LEU B 159 27.76 17.97 -11.03
C LEU B 159 26.94 17.58 -9.80
N ALA B 160 27.59 17.06 -8.77
CA ALA B 160 26.87 16.58 -7.59
C ALA B 160 26.38 17.74 -6.73
N VAL B 161 25.17 17.59 -6.21
CA VAL B 161 24.64 18.51 -5.20
C VAL B 161 24.59 17.75 -3.88
N MET B 162 24.49 18.52 -2.80
CA MET B 162 24.54 17.95 -1.46
C MET B 162 23.47 18.58 -0.59
N HIS B 163 23.03 17.84 0.43
CA HIS B 163 22.03 18.32 1.36
C HIS B 163 22.34 17.80 2.75
N SER B 164 22.17 18.66 3.74
CA SER B 164 22.33 18.30 5.15
C SER B 164 20.98 18.46 5.84
N GLN B 165 20.57 17.42 6.56
CA GLN B 165 19.20 17.38 7.11
C GLN B 165 18.94 18.57 8.03
N SER B 166 19.85 18.83 8.97
CA SER B 166 19.66 19.93 9.92
C SER B 166 19.96 21.28 9.27
N THR B 167 21.18 21.44 8.76
CA THR B 167 21.52 22.62 7.96
C THR B 167 20.77 22.50 6.63
N ASN B 168 19.46 22.78 6.69
CA ASN B 168 18.56 22.55 5.57
C ASN B 168 19.07 23.19 4.28
N GLN B 169 20.13 23.98 4.38
CA GLN B 169 20.76 24.56 3.20
C GLN B 169 21.09 23.47 2.18
N LEU B 170 21.09 23.86 0.92
CA LEU B 170 21.29 22.95 -0.21
C LEU B 170 22.48 23.43 -1.02
N ASP B 171 23.54 22.62 -1.05
CA ASP B 171 24.79 22.99 -1.73
C ASP B 171 24.71 22.62 -3.19
N VAL B 172 24.06 23.49 -3.96
CA VAL B 172 23.95 23.33 -5.41
C VAL B 172 25.00 24.22 -6.07
N GLY B 173 26.27 23.81 -5.96
CA GLY B 173 27.36 24.61 -6.47
C GLY B 173 27.15 25.11 -7.90
N ASN B 174 27.64 26.32 -8.18
CA ASN B 174 27.53 26.86 -9.52
C ASN B 174 28.41 26.07 -10.49
N ASN B 175 27.92 25.90 -11.72
CA ASN B 175 28.58 25.08 -12.71
C ASN B 175 27.85 25.22 -14.04
N PRO B 176 28.50 25.79 -15.07
CA PRO B 176 27.82 25.97 -16.36
C PRO B 176 27.51 24.67 -17.08
N ARG B 177 27.84 23.52 -16.50
CA ARG B 177 27.63 22.22 -17.12
C ARG B 177 26.30 21.63 -16.66
N VAL B 178 25.59 21.00 -17.59
CA VAL B 178 24.34 20.31 -17.29
C VAL B 178 24.47 18.87 -17.73
N GLY B 179 23.66 18.01 -17.11
CA GLY B 179 23.76 16.58 -17.34
C GLY B 179 23.52 16.19 -18.80
N THR B 180 23.85 14.94 -19.09
CA THR B 180 23.64 14.41 -20.43
C THR B 180 22.16 14.49 -20.80
N LYS B 181 21.88 15.08 -21.96
CA LYS B 181 20.49 15.31 -22.34
C LYS B 181 19.75 14.00 -22.60
N ARG B 182 20.45 12.98 -23.08
CA ARG B 182 19.78 11.71 -23.39
C ARG B 182 19.18 11.08 -22.14
N TYR B 183 19.73 11.37 -20.96
CA TYR B 183 19.27 10.79 -19.71
C TYR B 183 18.48 11.76 -18.85
N MET B 184 18.22 12.97 -19.32
CA MET B 184 17.50 13.96 -18.52
C MET B 184 16.07 13.51 -18.27
N ALA B 185 15.63 13.68 -17.02
CA ALA B 185 14.27 13.30 -16.65
C ALA B 185 13.27 14.34 -17.14
N PRO B 186 11.99 13.97 -17.26
CA PRO B 186 11.00 14.90 -17.82
C PRO B 186 10.97 16.25 -17.12
N GLU B 187 10.92 16.26 -15.78
CA GLU B 187 10.90 17.52 -15.06
C GLU B 187 12.12 18.38 -15.31
N VAL B 188 13.15 17.85 -15.96
CA VAL B 188 14.28 18.65 -16.40
C VAL B 188 14.03 19.23 -17.80
N LEU B 189 13.47 18.42 -18.70
CA LEU B 189 13.09 18.93 -20.01
C LEU B 189 11.97 19.95 -19.92
N ASP B 190 11.00 19.71 -19.03
CA ASP B 190 9.92 20.67 -18.83
C ASP B 190 10.42 21.97 -18.21
N GLU B 191 11.46 21.90 -17.39
CA GLU B 191 11.85 22.99 -16.50
C GLU B 191 10.86 23.15 -15.35
N THR B 192 10.05 22.12 -15.10
CA THR B 192 9.12 22.10 -13.97
C THR B 192 9.77 21.62 -12.69
N ILE B 193 11.03 21.19 -12.74
CA ILE B 193 11.67 20.62 -11.56
C ILE B 193 11.79 21.68 -10.47
N GLN B 194 11.47 21.30 -9.24
CA GLN B 194 11.65 22.18 -8.09
C GLN B 194 13.13 22.33 -7.77
N VAL B 195 13.76 23.35 -8.36
CA VAL B 195 15.21 23.47 -8.33
C VAL B 195 15.77 23.64 -6.92
N ASP B 196 14.97 24.11 -5.98
CA ASP B 196 15.43 24.35 -4.62
C ASP B 196 15.13 23.21 -3.67
N CYS B 197 14.64 22.07 -4.19
CA CYS B 197 14.27 20.92 -3.38
C CYS B 197 15.27 19.80 -3.65
N PHE B 198 15.92 19.30 -2.59
CA PHE B 198 16.95 18.29 -2.78
C PHE B 198 16.37 16.97 -3.29
N ASP B 199 15.19 16.59 -2.79
CA ASP B 199 14.60 15.33 -3.24
C ASP B 199 14.38 15.32 -4.75
N SER B 200 14.21 16.48 -5.36
CA SER B 200 14.04 16.55 -6.81
C SER B 200 15.24 15.96 -7.53
N TYR B 201 16.43 16.11 -6.96
CA TYR B 201 17.64 15.62 -7.63
C TYR B 201 17.83 14.13 -7.41
N LYS B 202 17.44 13.60 -6.25
CA LYS B 202 17.46 12.16 -6.05
C LYS B 202 16.56 11.45 -7.06
N ARG B 203 15.43 12.06 -7.39
CA ARG B 203 14.49 11.46 -8.33
C ARG B 203 14.96 11.60 -9.77
N VAL B 204 15.67 12.69 -10.09
CA VAL B 204 16.27 12.81 -11.41
C VAL B 204 17.28 11.68 -11.63
N ASP B 205 17.99 11.27 -10.58
CA ASP B 205 18.94 10.17 -10.70
C ASP B 205 18.23 8.84 -10.92
N ILE B 206 17.19 8.56 -10.13
CA ILE B 206 16.46 7.31 -10.29
C ILE B 206 15.89 7.19 -11.70
N TRP B 207 15.54 8.32 -12.33
CA TRP B 207 15.14 8.27 -13.73
C TRP B 207 16.28 7.77 -14.60
N ALA B 208 17.46 8.37 -14.45
CA ALA B 208 18.62 7.94 -15.23
C ALA B 208 19.00 6.51 -14.88
N PHE B 209 18.93 6.14 -13.59
CA PHE B 209 19.23 4.77 -13.20
C PHE B 209 18.30 3.78 -13.91
N GLY B 210 17.02 4.13 -14.04
CA GLY B 210 16.11 3.24 -14.74
C GLY B 210 16.51 3.01 -16.18
N LEU B 211 16.99 4.05 -16.86
CA LEU B 211 17.48 3.88 -18.22
C LEU B 211 18.66 2.91 -18.25
N VAL B 212 19.55 3.00 -17.27
CA VAL B 212 20.71 2.11 -17.23
C VAL B 212 20.27 0.66 -17.05
N LEU B 213 19.27 0.43 -16.19
CA LEU B 213 18.68 -0.90 -16.11
C LEU B 213 18.28 -1.40 -17.49
N TRP B 214 17.59 -0.55 -18.25
CA TRP B 214 17.17 -0.92 -19.60
C TRP B 214 18.37 -1.26 -20.47
N GLU B 215 19.46 -0.51 -20.34
CA GLU B 215 20.66 -0.78 -21.14
C GLU B 215 21.25 -2.13 -20.81
N VAL B 216 21.26 -2.50 -19.52
CA VAL B 216 21.91 -3.75 -19.11
C VAL B 216 21.02 -4.95 -19.39
N ALA B 217 19.72 -4.83 -19.09
CA ALA B 217 18.83 -5.97 -19.26
C ALA B 217 18.76 -6.44 -20.71
N ARG B 218 18.85 -5.51 -21.67
CA ARG B 218 18.85 -5.92 -23.07
C ARG B 218 20.02 -6.84 -23.39
N ARG B 219 21.11 -6.74 -22.63
CA ARG B 219 22.31 -7.54 -22.86
C ARG B 219 22.29 -8.86 -22.10
N MET B 220 21.28 -9.11 -21.28
CA MET B 220 21.14 -10.37 -20.58
C MET B 220 20.42 -11.39 -21.46
N VAL B 221 20.94 -12.61 -21.49
CA VAL B 221 20.38 -13.66 -22.32
C VAL B 221 19.37 -14.46 -21.51
N SER B 222 18.26 -14.81 -22.16
CA SER B 222 17.27 -15.71 -21.59
C SER B 222 16.61 -16.46 -22.73
N ASN B 223 16.36 -17.75 -22.51
CA ASN B 223 15.77 -18.61 -23.54
C ASN B 223 16.49 -18.44 -24.88
N GLY B 224 17.81 -18.30 -24.82
CA GLY B 224 18.60 -18.16 -26.02
C GLY B 224 18.31 -16.94 -26.84
N ILE B 225 17.96 -15.82 -26.20
CA ILE B 225 17.71 -14.57 -26.89
C ILE B 225 18.43 -13.44 -26.16
N VAL B 226 18.85 -12.43 -26.92
CA VAL B 226 19.49 -11.26 -26.35
C VAL B 226 19.47 -10.16 -27.41
N GLU B 227 19.30 -8.92 -26.97
CA GLU B 227 19.28 -7.78 -27.88
C GLU B 227 20.68 -7.19 -28.05
N ASP B 228 20.93 -6.63 -29.23
CA ASP B 228 22.12 -5.82 -29.42
C ASP B 228 22.07 -4.62 -28.50
N TYR B 229 23.24 -4.09 -28.15
CA TYR B 229 23.25 -2.88 -27.36
C TYR B 229 22.64 -1.72 -28.15
N LYS B 230 21.93 -0.84 -27.42
CA LYS B 230 21.36 0.37 -27.98
C LYS B 230 21.20 1.36 -26.84
N PRO B 231 21.50 2.64 -27.04
CA PRO B 231 21.30 3.63 -25.97
C PRO B 231 19.84 3.97 -25.81
N PRO B 232 19.45 4.53 -24.67
CA PRO B 232 18.03 4.86 -24.47
C PRO B 232 17.52 5.81 -25.55
N PHE B 233 16.37 5.48 -26.12
CA PHE B 233 15.71 6.29 -27.13
C PHE B 233 16.49 6.29 -28.45
N TYR B 234 17.13 5.17 -28.78
CA TYR B 234 17.79 5.06 -30.08
C TYR B 234 16.78 5.11 -31.22
N ASP B 235 15.50 4.82 -30.96
CA ASP B 235 14.49 4.86 -32.01
C ASP B 235 14.27 6.29 -32.51
N VAL B 236 14.06 7.22 -31.58
CA VAL B 236 13.40 8.48 -31.89
C VAL B 236 14.34 9.68 -31.83
N VAL B 237 15.57 9.53 -31.38
CA VAL B 237 16.46 10.70 -31.26
C VAL B 237 17.79 10.41 -31.93
N PRO B 238 18.37 11.38 -32.62
CA PRO B 238 19.68 11.18 -33.24
C PRO B 238 20.79 11.19 -32.19
N ASN B 239 21.99 10.82 -32.64
CA ASN B 239 23.16 10.96 -31.78
C ASN B 239 23.33 12.42 -31.38
N ASP B 240 23.83 12.63 -30.16
CA ASP B 240 23.93 13.96 -29.57
C ASP B 240 22.58 14.67 -29.65
N PRO B 241 21.54 14.10 -29.04
CA PRO B 241 20.18 14.65 -29.23
C PRO B 241 20.04 16.03 -28.61
N SER B 242 19.37 16.92 -29.36
CA SER B 242 19.13 18.28 -28.91
C SER B 242 18.20 18.29 -27.70
N PHE B 243 18.25 19.39 -26.96
CA PHE B 243 17.31 19.59 -25.84
C PHE B 243 15.88 19.43 -26.33
N GLU B 244 15.58 19.93 -27.53
CA GLU B 244 14.22 19.82 -28.06
C GLU B 244 13.89 18.37 -28.41
N ASP B 245 14.81 17.68 -29.07
CA ASP B 245 14.57 16.28 -29.43
C ASP B 245 14.12 15.49 -28.21
N MET B 246 14.82 15.66 -27.09
CA MET B 246 14.47 14.94 -25.87
C MET B 246 13.11 15.37 -25.33
N ARG B 247 12.89 16.69 -25.23
CA ARG B 247 11.63 17.18 -24.68
C ARG B 247 10.44 16.72 -25.51
N LYS B 248 10.60 16.68 -26.83
CA LYS B 248 9.52 16.21 -27.69
C LYS B 248 9.23 14.73 -27.47
N VAL B 249 10.24 13.94 -27.11
CA VAL B 249 10.07 12.51 -26.98
C VAL B 249 9.53 12.14 -25.60
N VAL B 250 10.02 12.81 -24.55
CA VAL B 250 9.76 12.40 -23.18
C VAL B 250 8.59 13.15 -22.57
N CYS B 251 8.46 14.45 -22.86
CA CYS B 251 7.42 15.26 -22.25
C CYS B 251 6.17 15.34 -23.13
N VAL B 252 6.34 15.66 -24.42
CA VAL B 252 5.20 15.79 -25.32
C VAL B 252 4.56 14.44 -25.57
N ASP B 253 5.31 13.52 -26.16
CA ASP B 253 4.79 12.18 -26.46
C ASP B 253 4.80 11.27 -25.24
N GLN B 254 5.50 11.63 -24.17
CA GLN B 254 5.59 10.82 -22.95
C GLN B 254 5.96 9.38 -23.28
N GLN B 255 6.94 9.22 -24.16
CA GLN B 255 7.41 7.91 -24.56
C GLN B 255 8.48 7.39 -23.61
N ARG B 256 8.60 6.07 -23.55
CA ARG B 256 9.55 5.39 -22.69
C ARG B 256 10.21 4.29 -23.49
N PRO B 257 11.39 3.83 -23.06
CA PRO B 257 12.05 2.73 -23.77
C PRO B 257 11.15 1.50 -23.82
N ASN B 258 11.13 0.85 -24.99
CA ASN B 258 10.25 -0.29 -25.19
C ASN B 258 10.81 -1.52 -24.49
N ILE B 259 9.93 -2.24 -23.77
CA ILE B 259 10.30 -3.45 -23.07
C ILE B 259 10.03 -4.63 -23.99
N PRO B 260 11.06 -5.32 -24.49
CA PRO B 260 10.83 -6.46 -25.38
C PRO B 260 9.97 -7.51 -24.69
N ASN B 261 8.97 -8.00 -25.41
CA ASN B 261 8.01 -8.93 -24.82
C ASN B 261 8.65 -10.26 -24.39
N ARG B 262 9.86 -10.55 -24.86
CA ARG B 262 10.52 -11.78 -24.44
C ARG B 262 10.94 -11.72 -22.97
N TRP B 263 11.21 -10.51 -22.45
CA TRP B 263 11.60 -10.39 -21.05
C TRP B 263 10.58 -11.03 -20.12
N PHE B 264 9.30 -10.98 -20.47
CA PHE B 264 8.25 -11.48 -19.59
C PHE B 264 8.13 -12.99 -19.58
N SER B 265 8.94 -13.69 -20.37
CA SER B 265 9.09 -15.14 -20.23
C SER B 265 10.17 -15.52 -19.23
N ASP B 266 10.88 -14.55 -18.68
CA ASP B 266 11.97 -14.76 -17.73
C ASP B 266 11.65 -14.08 -16.41
N PRO B 267 11.71 -14.80 -15.29
CA PRO B 267 11.38 -14.16 -14.00
C PRO B 267 12.29 -12.98 -13.66
N THR B 268 13.56 -13.05 -14.03
CA THR B 268 14.48 -11.96 -13.69
C THR B 268 14.21 -10.73 -14.53
N LEU B 269 14.16 -10.90 -15.86
CA LEU B 269 13.87 -9.76 -16.72
C LEU B 269 12.50 -9.17 -16.42
N THR B 270 11.58 -9.98 -15.91
CA THR B 270 10.27 -9.45 -15.53
C THR B 270 10.37 -8.58 -14.29
N SER B 271 11.20 -8.97 -13.32
CA SER B 271 11.40 -8.16 -12.13
C SER B 271 12.12 -6.87 -12.46
N LEU B 272 13.06 -6.90 -13.40
CA LEU B 272 13.72 -5.68 -13.83
C LEU B 272 12.77 -4.78 -14.60
N ALA B 273 11.83 -5.36 -15.36
CA ALA B 273 10.85 -4.57 -16.08
C ALA B 273 10.01 -3.73 -15.13
N LYS B 274 9.47 -4.37 -14.08
CA LYS B 274 8.66 -3.63 -13.12
C LYS B 274 9.47 -2.56 -12.41
N LEU B 275 10.77 -2.82 -12.16
CA LEU B 275 11.62 -1.81 -11.54
C LEU B 275 11.85 -0.63 -12.47
N MET B 276 12.17 -0.91 -13.73
CA MET B 276 12.42 0.16 -14.70
C MET B 276 11.21 1.09 -14.80
N LYS B 277 10.02 0.51 -15.00
CA LYS B 277 8.83 1.34 -15.17
C LYS B 277 8.56 2.19 -13.93
N GLU B 278 8.79 1.62 -12.74
CA GLU B 278 8.63 2.38 -11.51
C GLU B 278 9.70 3.45 -11.35
N CYS B 279 10.71 3.49 -12.23
CA CYS B 279 11.69 4.56 -12.27
C CYS B 279 11.33 5.65 -13.27
N TRP B 280 10.26 5.46 -14.04
CA TRP B 280 9.97 6.29 -15.19
C TRP B 280 8.66 7.07 -15.10
N TYR B 281 7.96 7.03 -13.97
CA TYR B 281 6.76 7.83 -13.81
C TYR B 281 7.07 9.29 -14.14
N GLN B 282 6.14 9.95 -14.84
CA GLN B 282 6.31 11.38 -15.05
C GLN B 282 6.20 12.15 -13.75
N ASN B 283 5.40 11.65 -12.81
CA ASN B 283 5.31 12.21 -11.47
C ASN B 283 6.55 11.83 -10.68
N PRO B 284 7.49 12.76 -10.48
CA PRO B 284 8.76 12.39 -9.81
C PRO B 284 8.55 11.77 -8.44
N SER B 285 7.51 12.18 -7.70
CA SER B 285 7.30 11.68 -6.36
C SER B 285 6.91 10.21 -6.34
N ALA B 286 6.51 9.65 -7.48
CA ALA B 286 6.06 8.27 -7.54
C ALA B 286 7.20 7.28 -7.80
N ARG B 287 8.36 7.76 -8.23
CA ARG B 287 9.47 6.85 -8.51
C ARG B 287 10.00 6.23 -7.22
N LEU B 288 10.63 5.07 -7.39
CA LEU B 288 11.20 4.36 -6.25
C LEU B 288 12.48 5.07 -5.77
N THR B 289 12.78 4.86 -4.50
CA THR B 289 14.01 5.39 -3.93
C THR B 289 15.16 4.42 -4.18
N ALA B 290 16.40 4.93 -4.06
CA ALA B 290 17.56 4.10 -4.30
C ALA B 290 17.62 2.94 -3.31
N LEU B 291 17.17 3.16 -2.07
CA LEU B 291 17.20 2.09 -1.08
C LEU B 291 16.17 1.01 -1.39
N ARG B 292 15.02 1.40 -1.93
CA ARG B 292 14.01 0.40 -2.30
C ARG B 292 14.47 -0.42 -3.50
N ILE B 293 15.07 0.24 -4.49
CA ILE B 293 15.63 -0.49 -5.63
C ILE B 293 16.64 -1.52 -5.17
N LYS B 294 17.48 -1.16 -4.19
CA LYS B 294 18.48 -2.08 -3.68
C LYS B 294 17.82 -3.29 -3.00
N LYS B 295 16.87 -3.03 -2.11
CA LYS B 295 16.17 -4.13 -1.44
C LYS B 295 15.50 -5.05 -2.44
N THR B 296 14.80 -4.48 -3.43
CA THR B 296 14.11 -5.29 -4.42
C THR B 296 15.09 -6.15 -5.20
N LEU B 297 16.17 -5.55 -5.70
CA LEU B 297 17.15 -6.31 -6.47
C LEU B 297 17.79 -7.41 -5.63
N THR B 298 18.07 -7.12 -4.36
CA THR B 298 18.70 -8.11 -3.49
C THR B 298 17.82 -9.34 -3.34
N LYS B 299 16.50 -9.17 -3.31
CA LYS B 299 15.57 -10.27 -3.10
C LYS B 299 15.24 -11.03 -4.38
N ILE B 300 15.91 -10.71 -5.50
CA ILE B 300 15.65 -11.37 -6.78
C ILE B 300 16.52 -12.61 -6.89
N ASP B 301 15.92 -13.70 -7.36
CA ASP B 301 16.64 -14.95 -7.56
C ASP B 301 17.15 -15.52 -6.24
N ALA C 7 -20.74 -33.08 8.48
CA ALA C 7 -20.84 -31.70 8.02
C ALA C 7 -20.50 -30.73 9.14
N ARG C 8 -20.12 -29.50 8.77
CA ARG C 8 -19.75 -28.48 9.74
C ARG C 8 -20.22 -27.12 9.25
N ASP C 9 -20.99 -26.43 10.10
CA ASP C 9 -21.42 -25.05 9.82
C ASP C 9 -21.19 -24.21 11.07
N ILE C 10 -20.14 -23.39 11.03
CA ILE C 10 -19.85 -22.40 12.04
C ILE C 10 -19.82 -21.04 11.37
N THR C 11 -19.85 -19.99 12.18
CA THR C 11 -19.93 -18.62 11.67
C THR C 11 -18.57 -17.94 11.82
N LEU C 12 -17.98 -17.54 10.70
CA LEU C 12 -16.73 -16.79 10.75
C LEU C 12 -16.99 -15.38 11.26
N LEU C 13 -16.40 -15.05 12.40
CA LEU C 13 -16.64 -13.77 13.07
C LEU C 13 -15.54 -12.75 12.83
N GLU C 14 -14.28 -13.12 13.09
CA GLU C 14 -13.20 -12.16 13.10
C GLU C 14 -11.91 -12.83 12.62
N CYS C 15 -11.11 -12.07 11.88
CA CYS C 15 -9.84 -12.55 11.36
C CYS C 15 -8.72 -12.15 12.31
N VAL C 16 -8.13 -13.15 12.97
CA VAL C 16 -7.08 -12.89 13.95
C VAL C 16 -5.66 -13.03 13.37
N GLY C 17 -5.50 -13.68 12.22
CA GLY C 17 -4.18 -13.87 11.65
C GLY C 17 -4.25 -14.06 10.16
N LYS C 18 -3.23 -13.55 9.47
CA LYS C 18 -3.12 -13.66 8.02
C LYS C 18 -1.66 -13.74 7.62
N GLY C 19 -1.37 -14.51 6.58
CA GLY C 19 -0.01 -14.66 6.12
C GLY C 19 0.06 -15.58 4.92
N ARG C 20 1.29 -15.98 4.59
CA ARG C 20 1.49 -16.89 3.46
C ARG C 20 0.83 -18.24 3.73
N TYR C 21 1.00 -18.77 4.94
CA TYR C 21 0.36 -20.03 5.30
C TYR C 21 -1.13 -20.02 4.98
N GLY C 22 -1.78 -18.87 5.16
CA GLY C 22 -3.21 -18.75 4.96
C GLY C 22 -3.84 -17.69 5.84
N GLU C 23 -4.89 -18.07 6.57
CA GLU C 23 -5.57 -17.14 7.47
C GLU C 23 -6.16 -17.92 8.62
N VAL C 24 -6.27 -17.25 9.77
CA VAL C 24 -6.89 -17.80 10.97
C VAL C 24 -8.04 -16.88 11.36
N TRP C 25 -9.19 -17.48 11.67
CA TRP C 25 -10.38 -16.75 12.04
C TRP C 25 -10.94 -17.25 13.36
N ARG C 26 -11.46 -16.33 14.15
CA ARG C 26 -12.30 -16.71 15.27
C ARG C 26 -13.73 -16.92 14.79
N GLY C 27 -14.36 -18.00 15.26
CA GLY C 27 -15.70 -18.32 14.82
C GLY C 27 -16.53 -18.89 15.95
N SER C 28 -17.82 -18.99 15.70
CA SER C 28 -18.78 -19.52 16.67
C SER C 28 -19.24 -20.89 16.25
N TRP C 29 -19.32 -21.80 17.22
CA TRP C 29 -19.81 -23.16 16.98
C TRP C 29 -20.47 -23.64 18.26
N GLN C 30 -21.81 -23.68 18.25
CA GLN C 30 -22.57 -24.03 19.45
C GLN C 30 -22.38 -23.00 20.55
N GLY C 31 -22.37 -21.72 20.16
CA GLY C 31 -22.16 -20.64 21.10
C GLY C 31 -20.75 -20.52 21.65
N GLU C 32 -19.83 -21.39 21.24
CA GLU C 32 -18.45 -21.38 21.73
C GLU C 32 -17.52 -20.78 20.69
N ASN C 33 -16.45 -20.15 21.18
CA ASN C 33 -15.42 -19.64 20.29
C ASN C 33 -14.57 -20.79 19.75
N VAL C 34 -14.17 -20.68 18.48
CA VAL C 34 -13.24 -21.63 17.87
C VAL C 34 -12.38 -20.89 16.87
N ALA C 35 -11.18 -21.41 16.66
CA ALA C 35 -10.26 -20.87 15.66
C ALA C 35 -10.30 -21.74 14.42
N VAL C 36 -10.27 -21.10 13.26
CA VAL C 36 -10.33 -21.78 11.98
C VAL C 36 -9.16 -21.29 11.12
N LYS C 37 -8.25 -22.20 10.78
CA LYS C 37 -7.17 -21.89 9.85
C LYS C 37 -7.65 -22.23 8.45
N ILE C 38 -7.60 -21.25 7.55
CA ILE C 38 -8.05 -21.41 6.17
C ILE C 38 -6.82 -21.45 5.28
N PHE C 39 -6.51 -22.64 4.76
CA PHE C 39 -5.27 -22.87 4.02
C PHE C 39 -5.44 -22.48 2.56
N SER C 40 -4.59 -21.59 2.08
CA SER C 40 -4.50 -21.35 0.65
C SER C 40 -4.12 -22.63 -0.07
N SER C 41 -4.56 -22.76 -1.33
CA SER C 41 -4.28 -23.98 -2.07
C SER C 41 -2.79 -24.20 -2.28
N ARG C 42 -1.97 -23.17 -2.05
CA ARG C 42 -0.52 -23.35 -2.13
C ARG C 42 0.00 -24.15 -0.94
N ASP C 43 -0.48 -23.84 0.27
CA ASP C 43 -0.11 -24.56 1.48
C ASP C 43 -1.01 -25.76 1.73
N GLU C 44 -1.46 -26.44 0.67
CA GLU C 44 -2.32 -27.60 0.84
C GLU C 44 -1.61 -28.70 1.60
N LYS C 45 -0.31 -28.88 1.37
CA LYS C 45 0.44 -29.92 2.06
C LYS C 45 0.56 -29.62 3.55
N SER C 46 0.71 -28.34 3.90
CA SER C 46 0.72 -27.95 5.31
C SER C 46 -0.56 -28.38 5.99
N TRP C 47 -1.71 -28.12 5.35
CA TRP C 47 -3.00 -28.50 5.93
C TRP C 47 -3.05 -30.00 6.21
N PHE C 48 -2.47 -30.81 5.32
CA PHE C 48 -2.61 -32.26 5.47
C PHE C 48 -1.66 -32.82 6.51
N ARG C 49 -0.41 -32.34 6.54
CA ARG C 49 0.50 -32.78 7.60
C ARG C 49 -0.07 -32.48 8.98
N GLU C 50 -0.64 -31.29 9.15
CA GLU C 50 -1.24 -30.94 10.43
C GLU C 50 -2.51 -31.74 10.68
N THR C 51 -3.33 -31.93 9.66
CA THR C 51 -4.49 -32.82 9.79
C THR C 51 -4.03 -34.25 10.10
N GLU C 52 -3.10 -34.77 9.30
CA GLU C 52 -2.54 -36.09 9.54
C GLU C 52 -2.09 -36.24 10.99
N LEU C 53 -1.40 -35.21 11.51
CA LEU C 53 -0.89 -35.26 12.87
C LEU C 53 -2.03 -35.27 13.89
N TYR C 54 -3.10 -34.51 13.62
CA TYR C 54 -4.21 -34.40 14.56
C TYR C 54 -5.23 -35.53 14.38
N ASN C 55 -5.47 -35.93 13.14
CA ASN C 55 -6.52 -36.89 12.83
C ASN C 55 -6.03 -38.34 12.91
N THR C 56 -4.90 -38.64 12.28
CA THR C 56 -4.37 -40.01 12.31
C THR C 56 -3.64 -40.29 13.62
N VAL C 57 -2.45 -39.70 13.78
CA VAL C 57 -1.74 -39.80 15.05
C VAL C 57 -2.57 -39.14 16.13
N MET C 58 -2.96 -39.90 17.14
CA MET C 58 -3.65 -39.30 18.28
C MET C 58 -2.68 -38.37 18.99
N LEU C 59 -2.93 -37.06 18.89
CA LEU C 59 -2.02 -36.04 19.42
C LEU C 59 -2.81 -35.04 20.25
N ARG C 60 -2.78 -35.22 21.57
CA ARG C 60 -3.48 -34.34 22.49
C ARG C 60 -2.59 -34.10 23.70
N HIS C 61 -2.73 -32.91 24.28
CA HIS C 61 -1.97 -32.56 25.48
C HIS C 61 -2.39 -31.20 25.99
N GLU C 62 -2.36 -31.02 27.32
CA GLU C 62 -2.80 -29.78 27.94
C GLU C 62 -2.04 -28.57 27.40
N ASN C 63 -0.89 -28.78 26.75
CA ASN C 63 -0.08 -27.68 26.25
C ASN C 63 0.17 -27.80 24.74
N ILE C 64 -0.69 -28.55 24.04
CA ILE C 64 -0.73 -28.56 22.59
C ILE C 64 -2.12 -28.08 22.18
N LEU C 65 -2.17 -27.28 21.12
CA LEU C 65 -3.44 -26.72 20.69
C LEU C 65 -4.47 -27.83 20.45
N GLY C 66 -5.68 -27.62 20.97
CA GLY C 66 -6.69 -28.65 20.93
C GLY C 66 -7.29 -28.75 19.53
N PHE C 67 -7.25 -29.95 18.95
CA PHE C 67 -7.88 -30.21 17.66
C PHE C 67 -9.38 -30.43 17.85
N ILE C 68 -10.17 -29.96 16.88
CA ILE C 68 -11.62 -30.17 16.92
C ILE C 68 -12.03 -30.93 15.67
N ALA C 69 -11.73 -30.37 14.50
CA ALA C 69 -12.13 -31.00 13.25
C ALA C 69 -11.30 -30.43 12.11
N SER C 70 -11.31 -31.16 11.00
CA SER C 70 -10.64 -30.74 9.78
C SER C 70 -11.57 -31.02 8.60
N ASP C 71 -11.61 -30.10 7.65
CA ASP C 71 -12.49 -30.21 6.50
C ASP C 71 -11.77 -29.72 5.25
N MET C 72 -12.02 -30.40 4.13
CA MET C 72 -11.52 -29.95 2.84
C MET C 72 -12.55 -30.31 1.79
N THR C 73 -12.77 -29.39 0.84
CA THR C 73 -13.58 -29.67 -0.33
C THR C 73 -12.85 -29.09 -1.53
N SER C 74 -12.78 -29.87 -2.60
CA SER C 74 -11.95 -29.52 -3.75
C SER C 74 -12.73 -29.79 -5.03
N ARG C 75 -12.86 -28.76 -5.85
CA ARG C 75 -13.38 -28.89 -7.20
C ARG C 75 -12.60 -27.94 -8.09
N HIS C 76 -12.71 -28.15 -9.41
CA HIS C 76 -12.07 -27.22 -10.34
C HIS C 76 -12.52 -25.78 -10.07
N SER C 77 -13.74 -25.60 -9.56
CA SER C 77 -14.22 -24.25 -9.25
C SER C 77 -13.43 -23.63 -8.11
N SER C 78 -13.17 -24.40 -7.06
CA SER C 78 -12.47 -23.85 -5.89
C SER C 78 -12.03 -25.00 -4.98
N THR C 79 -11.22 -24.66 -3.98
CA THR C 79 -10.71 -25.60 -3.00
C THR C 79 -10.70 -24.92 -1.64
N GLN C 80 -11.32 -25.56 -0.64
CA GLN C 80 -11.37 -25.02 0.71
C GLN C 80 -10.70 -25.99 1.66
N LEU C 81 -9.77 -25.48 2.46
CA LEU C 81 -9.03 -26.26 3.44
C LEU C 81 -9.18 -25.59 4.80
N TRP C 82 -9.88 -26.25 5.72
CA TRP C 82 -10.16 -25.70 7.04
C TRP C 82 -9.62 -26.61 8.13
N LEU C 83 -8.99 -26.01 9.13
CA LEU C 83 -8.56 -26.70 10.34
C LEU C 83 -9.18 -25.99 11.53
N ILE C 84 -9.95 -26.72 12.32
CA ILE C 84 -10.74 -26.15 13.42
C ILE C 84 -10.14 -26.61 14.74
N THR C 85 -9.73 -25.65 15.57
CA THR C 85 -9.14 -25.94 16.87
C THR C 85 -9.82 -25.07 17.93
N HIS C 86 -9.53 -25.38 19.19
CA HIS C 86 -10.00 -24.55 20.29
C HIS C 86 -9.48 -23.12 20.13
N TYR C 87 -10.19 -22.19 20.75
CA TYR C 87 -9.87 -20.77 20.64
C TYR C 87 -9.28 -20.25 21.95
N HIS C 88 -8.38 -19.28 21.83
CA HIS C 88 -7.71 -18.67 22.98
C HIS C 88 -7.76 -17.16 22.80
N GLU C 89 -8.66 -16.50 23.54
CA GLU C 89 -8.86 -15.07 23.39
C GLU C 89 -7.58 -14.27 23.67
N MET C 90 -6.65 -14.82 24.44
CA MET C 90 -5.47 -14.05 24.82
C MET C 90 -4.44 -13.93 23.71
N GLY C 91 -4.50 -14.80 22.71
CA GLY C 91 -3.61 -14.70 21.56
C GLY C 91 -2.28 -15.38 21.77
N SER C 92 -1.38 -15.13 20.83
CA SER C 92 -0.05 -15.71 20.89
C SER C 92 0.76 -15.08 22.02
N LEU C 93 1.75 -15.83 22.49
CA LEU C 93 2.70 -15.29 23.46
C LEU C 93 3.31 -13.98 22.95
N TYR C 94 3.51 -13.87 21.65
CA TYR C 94 4.02 -12.63 21.05
C TYR C 94 3.09 -11.46 21.34
N ASP C 95 1.77 -11.69 21.27
CA ASP C 95 0.81 -10.63 21.59
C ASP C 95 0.76 -10.37 23.10
N TYR C 96 0.67 -11.45 23.89
CA TYR C 96 0.52 -11.30 25.33
C TYR C 96 1.74 -10.65 25.96
N LEU C 97 2.94 -10.90 25.42
CA LEU C 97 4.17 -10.40 26.00
C LEU C 97 4.41 -8.92 25.70
N GLN C 98 3.77 -8.37 24.67
CA GLN C 98 4.00 -6.97 24.32
C GLN C 98 3.26 -6.02 25.26
N LEU C 99 2.16 -6.46 25.86
CA LEU C 99 1.34 -5.62 26.70
C LEU C 99 1.37 -6.00 28.17
N THR C 100 2.04 -7.10 28.52
CA THR C 100 2.03 -7.60 29.88
C THR C 100 3.46 -7.76 30.39
N THR C 101 3.65 -7.50 31.67
CA THR C 101 4.86 -7.87 32.37
C THR C 101 4.63 -9.17 33.13
N LEU C 102 5.71 -9.72 33.67
CA LEU C 102 5.63 -11.00 34.36
C LEU C 102 6.35 -10.91 35.70
N ASP C 103 6.02 -11.85 36.58
CA ASP C 103 6.71 -12.05 37.84
C ASP C 103 7.23 -13.49 37.90
N THR C 104 7.72 -13.88 39.08
CA THR C 104 8.31 -15.20 39.23
C THR C 104 7.34 -16.30 38.82
N VAL C 105 6.13 -16.28 39.38
CA VAL C 105 5.20 -17.40 39.22
C VAL C 105 4.75 -17.52 37.77
N SER C 106 4.29 -16.41 37.19
CA SER C 106 3.74 -16.47 35.83
C SER C 106 4.82 -16.79 34.81
N CYS C 107 6.05 -16.31 35.02
CA CYS C 107 7.14 -16.63 34.10
C CYS C 107 7.41 -18.13 34.08
N LEU C 108 7.54 -18.74 35.26
CA LEU C 108 7.76 -20.18 35.31
C LEU C 108 6.58 -20.94 34.70
N ARG C 109 5.36 -20.48 34.96
CA ARG C 109 4.18 -21.14 34.41
C ARG C 109 4.23 -21.16 32.89
N ILE C 110 4.68 -20.06 32.28
CA ILE C 110 4.76 -19.99 30.82
C ILE C 110 5.85 -20.93 30.30
N VAL C 111 7.08 -20.77 30.78
CA VAL C 111 8.19 -21.53 30.23
C VAL C 111 8.04 -23.01 30.51
N LEU C 112 7.60 -23.37 31.71
CA LEU C 112 7.45 -24.79 32.04
C LEU C 112 6.38 -25.45 31.17
N SER C 113 5.23 -24.78 31.01
CA SER C 113 4.17 -25.36 30.20
C SER C 113 4.62 -25.53 28.75
N ILE C 114 5.38 -24.57 28.21
CA ILE C 114 5.94 -24.72 26.88
C ILE C 114 6.83 -25.95 26.83
N ALA C 115 7.76 -26.07 27.78
CA ALA C 115 8.66 -27.21 27.81
C ALA C 115 7.89 -28.52 27.96
N SER C 116 6.86 -28.53 28.79
CA SER C 116 6.06 -29.74 28.96
C SER C 116 5.37 -30.12 27.65
N GLY C 117 4.95 -29.12 26.88
CA GLY C 117 4.30 -29.38 25.60
C GLY C 117 5.27 -29.81 24.52
N LEU C 118 6.44 -29.16 24.46
CA LEU C 118 7.45 -29.57 23.49
C LEU C 118 8.03 -30.93 23.84
N ALA C 119 8.18 -31.21 25.13
CA ALA C 119 8.64 -32.53 25.55
C ALA C 119 7.68 -33.62 25.05
N HIS C 120 6.37 -33.38 25.17
CA HIS C 120 5.40 -34.36 24.73
C HIS C 120 5.42 -34.54 23.22
N LEU C 121 5.86 -33.50 22.48
CA LEU C 121 5.97 -33.64 21.03
C LEU C 121 7.17 -34.50 20.64
N HIS C 122 8.30 -34.32 21.34
CA HIS C 122 9.54 -34.97 20.92
C HIS C 122 9.58 -36.44 21.32
N ILE C 123 9.06 -36.78 22.49
CA ILE C 123 9.19 -38.15 23.00
C ILE C 123 8.35 -39.10 22.16
N GLU C 124 8.93 -40.23 21.79
CA GLU C 124 8.22 -41.29 21.08
C GLU C 124 7.56 -42.22 22.09
N ILE C 125 6.27 -42.47 21.90
CA ILE C 125 5.51 -43.31 22.81
C ILE C 125 4.95 -44.53 22.10
N LYS C 131 2.56 -42.99 19.92
CA LYS C 131 2.75 -41.90 18.97
C LYS C 131 4.23 -41.74 18.61
N PRO C 132 4.50 -41.34 17.37
CA PRO C 132 5.89 -41.13 16.96
C PRO C 132 6.46 -39.84 17.52
N ALA C 133 7.79 -39.79 17.55
CA ALA C 133 8.46 -38.54 17.89
C ALA C 133 8.10 -37.47 16.88
N ILE C 134 7.86 -36.25 17.36
CA ILE C 134 7.45 -35.15 16.50
C ILE C 134 8.39 -33.97 16.73
N ALA C 135 8.90 -33.41 15.64
CA ALA C 135 9.66 -32.17 15.67
C ALA C 135 8.81 -31.07 15.05
N HIS C 136 8.77 -29.92 15.72
CA HIS C 136 7.93 -28.81 15.30
C HIS C 136 8.43 -28.18 14.01
N ARG C 137 9.59 -27.53 14.07
CA ARG C 137 10.34 -26.95 12.95
C ARG C 137 9.97 -25.49 12.70
N ASP C 138 8.97 -24.94 13.37
CA ASP C 138 8.66 -23.52 13.28
C ASP C 138 8.26 -22.99 14.64
N LEU C 139 8.98 -23.39 15.67
CA LEU C 139 8.72 -22.90 17.02
C LEU C 139 9.13 -21.44 17.14
N LYS C 140 8.27 -20.64 17.77
CA LYS C 140 8.50 -19.21 17.93
C LYS C 140 7.33 -18.66 18.75
N SER C 141 7.50 -17.42 19.21
CA SER C 141 6.51 -16.82 20.11
C SER C 141 5.13 -16.70 19.44
N LYS C 142 5.09 -16.50 18.12
CA LYS C 142 3.80 -16.39 17.44
C LYS C 142 3.08 -17.73 17.35
N ASN C 143 3.79 -18.85 17.43
CA ASN C 143 3.17 -20.17 17.39
C ASN C 143 2.97 -20.76 18.78
N ILE C 144 2.79 -19.90 19.77
CA ILE C 144 2.50 -20.31 21.15
C ILE C 144 1.37 -19.44 21.66
N LEU C 145 0.30 -20.06 22.14
CA LEU C 145 -0.90 -19.36 22.57
C LEU C 145 -1.00 -19.36 24.09
N VAL C 146 -1.46 -18.25 24.65
CA VAL C 146 -1.59 -18.08 26.09
C VAL C 146 -3.02 -18.41 26.49
N LYS C 147 -3.20 -19.47 27.28
CA LYS C 147 -4.51 -19.84 27.80
C LYS C 147 -4.87 -18.96 29.00
N LYS C 148 -6.16 -18.99 29.37
CA LYS C 148 -6.63 -18.12 30.44
C LYS C 148 -6.06 -18.53 31.80
N ASN C 149 -5.75 -19.81 31.98
CA ASN C 149 -5.25 -20.28 33.27
C ASN C 149 -3.78 -19.92 33.51
N GLY C 150 -3.14 -19.21 32.57
CA GLY C 150 -1.76 -18.84 32.68
C GLY C 150 -0.82 -19.68 31.84
N GLN C 151 -1.18 -20.94 31.59
CA GLN C 151 -0.34 -21.82 30.80
C GLN C 151 -0.42 -21.47 29.32
N CYS C 152 0.39 -22.15 28.52
CA CYS C 152 0.42 -21.96 27.08
C CYS C 152 0.16 -23.28 26.37
N CYS C 153 0.16 -23.23 25.04
CA CYS C 153 0.08 -24.42 24.21
C CYS C 153 0.72 -24.11 22.88
N ILE C 154 1.34 -25.11 22.28
CA ILE C 154 2.03 -24.95 21.01
C ILE C 154 1.03 -25.16 19.88
N ALA C 155 1.21 -24.45 18.78
CA ALA C 155 0.12 -24.21 17.84
C ALA C 155 0.35 -24.81 16.46
N ASP C 156 1.37 -24.37 15.73
CA ASP C 156 1.45 -24.57 14.29
C ASP C 156 2.29 -25.81 13.96
N LEU C 157 1.63 -26.85 13.45
CA LEU C 157 2.29 -28.10 13.12
C LEU C 157 2.30 -28.39 11.62
N GLY C 158 2.15 -27.35 10.79
CA GLY C 158 2.13 -27.56 9.35
C GLY C 158 3.44 -28.04 8.78
N LEU C 159 4.56 -27.67 9.39
CA LEU C 159 5.88 -28.07 8.94
C LEU C 159 6.48 -29.18 9.79
N ALA C 160 5.68 -29.85 10.61
CA ALA C 160 6.22 -30.83 11.55
C ALA C 160 6.67 -32.09 10.82
N VAL C 161 7.79 -32.66 11.30
CA VAL C 161 8.28 -33.95 10.84
C VAL C 161 8.15 -34.94 11.98
N MET C 162 7.92 -36.21 11.62
CA MET C 162 7.66 -37.26 12.58
C MET C 162 8.49 -38.49 12.23
N HIS C 163 8.98 -39.18 13.27
CA HIS C 163 9.75 -40.40 13.08
C HIS C 163 9.34 -41.46 14.10
N SER C 164 9.23 -42.70 13.62
CA SER C 164 8.94 -43.83 14.49
C SER C 164 9.95 -44.96 14.25
N PRO C 176 13.82 -28.73 3.22
CA PRO C 176 14.92 -27.81 2.89
C PRO C 176 15.20 -26.80 4.01
N ARG C 177 15.08 -25.51 3.69
CA ARG C 177 15.23 -24.45 4.67
C ARG C 177 13.90 -23.74 4.86
N VAL C 178 12.94 -24.49 5.39
CA VAL C 178 11.59 -23.99 5.67
C VAL C 178 11.52 -23.60 7.13
N GLY C 179 10.84 -22.49 7.42
CA GLY C 179 10.71 -21.98 8.77
C GLY C 179 10.97 -20.49 8.82
N THR C 180 10.72 -19.92 10.01
CA THR C 180 10.94 -18.51 10.23
C THR C 180 12.43 -18.23 10.32
N LYS C 181 12.92 -17.32 9.47
CA LYS C 181 14.35 -17.11 9.34
C LYS C 181 14.96 -16.47 10.58
N ARG C 182 14.17 -15.74 11.37
CA ARG C 182 14.71 -15.14 12.58
C ARG C 182 15.01 -16.18 13.66
N TYR C 183 14.38 -17.35 13.60
CA TYR C 183 14.54 -18.39 14.61
C TYR C 183 15.35 -19.59 14.09
N MET C 184 15.87 -19.52 12.88
CA MET C 184 16.62 -20.64 12.34
C MET C 184 17.91 -20.86 13.12
N ALA C 185 18.31 -22.13 13.23
CA ALA C 185 19.48 -22.52 14.00
C ALA C 185 20.74 -22.41 13.15
N PRO C 186 21.92 -22.34 13.79
CA PRO C 186 23.17 -22.24 13.02
C PRO C 186 23.33 -23.31 11.96
N GLU C 187 22.99 -24.57 12.29
CA GLU C 187 23.13 -25.64 11.31
C GLU C 187 22.20 -25.46 10.11
N VAL C 188 21.10 -24.75 10.28
CA VAL C 188 20.22 -24.46 9.14
C VAL C 188 20.85 -23.38 8.26
N LEU C 189 21.28 -22.27 8.86
CA LEU C 189 21.97 -21.24 8.09
C LEU C 189 23.25 -21.79 7.47
N ASP C 190 24.00 -22.61 8.22
CA ASP C 190 25.21 -23.20 7.69
C ASP C 190 24.94 -24.29 6.66
N GLU C 191 23.73 -24.83 6.63
CA GLU C 191 23.42 -26.05 5.89
C GLU C 191 24.19 -27.24 6.43
N THR C 192 24.79 -27.12 7.61
CA THR C 192 25.53 -28.19 8.26
C THR C 192 24.60 -29.23 8.87
N ILE C 193 23.31 -28.94 8.99
CA ILE C 193 22.39 -29.88 9.62
C ILE C 193 22.43 -31.22 8.93
N GLN C 194 22.43 -32.30 9.72
CA GLN C 194 22.35 -33.65 9.18
C GLN C 194 20.90 -33.88 8.77
N VAL C 195 20.59 -33.49 7.52
CA VAL C 195 19.22 -33.54 7.03
C VAL C 195 18.61 -34.94 7.08
N ASP C 196 19.43 -35.97 7.30
CA ASP C 196 18.97 -37.35 7.31
C ASP C 196 18.86 -37.93 8.71
N CYS C 197 19.07 -37.11 9.74
CA CYS C 197 18.93 -37.54 11.13
C CYS C 197 17.74 -36.84 11.76
N PHE C 198 16.82 -37.62 12.33
CA PHE C 198 15.64 -37.03 12.95
C PHE C 198 16.00 -36.17 14.15
N ASP C 199 16.97 -36.62 14.96
CA ASP C 199 17.38 -35.84 16.11
C ASP C 199 17.88 -34.45 15.71
N SER C 200 18.23 -34.25 14.45
CA SER C 200 18.65 -32.92 14.00
C SER C 200 17.54 -31.90 14.19
N TYR C 201 16.28 -32.30 13.98
CA TYR C 201 15.18 -31.36 14.03
C TYR C 201 14.74 -31.08 15.46
N LYS C 202 14.77 -32.09 16.33
CA LYS C 202 14.52 -31.84 17.75
C LYS C 202 15.51 -30.82 18.31
N ARG C 203 16.73 -30.80 17.78
CA ARG C 203 17.73 -29.85 18.24
C ARG C 203 17.49 -28.45 17.69
N VAL C 204 16.99 -28.35 16.45
CA VAL C 204 16.56 -27.04 15.93
C VAL C 204 15.46 -26.46 16.81
N ASP C 205 14.51 -27.31 17.24
CA ASP C 205 13.45 -26.84 18.13
C ASP C 205 14.04 -26.29 19.43
N ILE C 206 14.98 -27.03 20.02
CA ILE C 206 15.59 -26.58 21.27
C ILE C 206 16.21 -25.20 21.10
N TRP C 207 16.94 -24.99 20.00
CA TRP C 207 17.49 -23.66 19.72
C TRP C 207 16.38 -22.61 19.73
N ALA C 208 15.35 -22.81 18.92
CA ALA C 208 14.24 -21.86 18.90
C ALA C 208 13.62 -21.70 20.28
N PHE C 209 13.45 -22.81 21.02
CA PHE C 209 12.90 -22.71 22.36
C PHE C 209 13.78 -21.84 23.26
N GLY C 210 15.10 -21.85 23.03
CA GLY C 210 15.97 -20.94 23.77
C GLY C 210 15.69 -19.49 23.44
N LEU C 211 15.53 -19.18 22.15
CA LEU C 211 15.16 -17.83 21.76
C LEU C 211 13.84 -17.39 22.40
N VAL C 212 12.89 -18.33 22.52
CA VAL C 212 11.62 -18.01 23.17
C VAL C 212 11.82 -17.75 24.66
N LEU C 213 12.75 -18.47 25.29
CA LEU C 213 13.04 -18.22 26.70
C LEU C 213 13.66 -16.85 26.91
N TRP C 214 14.51 -16.41 25.98
CA TRP C 214 15.06 -15.06 26.07
C TRP C 214 13.96 -14.01 25.99
N GLU C 215 13.00 -14.19 25.08
CA GLU C 215 11.90 -13.24 24.94
C GLU C 215 11.11 -13.13 26.23
N VAL C 216 10.84 -14.26 26.88
CA VAL C 216 9.97 -14.24 28.06
C VAL C 216 10.68 -13.61 29.25
N ALA C 217 11.96 -13.97 29.46
CA ALA C 217 12.69 -13.43 30.60
C ALA C 217 12.83 -11.92 30.52
N ARG C 218 12.95 -11.37 29.31
CA ARG C 218 13.04 -9.92 29.15
C ARG C 218 11.87 -9.23 29.83
N ARG C 219 10.68 -9.82 29.78
CA ARG C 219 9.47 -9.21 30.27
C ARG C 219 9.17 -9.53 31.73
N MET C 220 10.00 -10.34 32.38
CA MET C 220 9.87 -10.61 33.80
C MET C 220 10.61 -9.54 34.59
N VAL C 221 9.99 -9.09 35.68
CA VAL C 221 10.53 -8.02 36.51
C VAL C 221 11.44 -8.61 37.57
N SER C 222 12.59 -7.97 37.76
CA SER C 222 13.53 -8.34 38.81
C SER C 222 14.03 -7.07 39.47
N ASN C 223 13.86 -6.98 40.79
CA ASN C 223 14.23 -5.78 41.54
C ASN C 223 13.49 -4.55 41.01
N GLY C 224 12.29 -4.76 40.48
CA GLY C 224 11.47 -3.66 40.01
C GLY C 224 11.86 -3.08 38.67
N ILE C 225 12.40 -3.88 37.77
CA ILE C 225 12.82 -3.40 36.46
C ILE C 225 12.63 -4.51 35.44
N VAL C 226 12.17 -4.13 34.25
CA VAL C 226 11.99 -5.03 33.12
C VAL C 226 12.41 -4.30 31.85
N GLU C 227 12.34 -5.02 30.74
CA GLU C 227 12.64 -4.46 29.42
C GLU C 227 11.42 -4.58 28.52
N ASP C 228 11.30 -3.65 27.57
CA ASP C 228 10.27 -3.75 26.56
C ASP C 228 10.44 -5.06 25.78
N TYR C 229 9.33 -5.56 25.25
CA TYR C 229 9.43 -6.75 24.41
C TYR C 229 10.25 -6.44 23.18
N LYS C 230 11.02 -7.43 22.73
CA LYS C 230 11.78 -7.37 21.49
C LYS C 230 11.94 -8.79 20.98
N PRO C 231 11.93 -8.99 19.67
CA PRO C 231 12.17 -10.33 19.13
C PRO C 231 13.65 -10.66 19.16
N PRO C 232 14.01 -11.93 19.01
CA PRO C 232 15.42 -12.31 19.05
C PRO C 232 16.22 -11.62 17.95
N PHE C 233 17.41 -11.13 18.32
CA PHE C 233 18.32 -10.46 17.39
C PHE C 233 17.76 -9.15 16.87
N TYR C 234 16.83 -8.53 17.59
CA TYR C 234 16.24 -7.27 17.14
C TYR C 234 17.31 -6.21 16.87
N ASP C 235 18.46 -6.32 17.53
CA ASP C 235 19.48 -5.28 17.47
C ASP C 235 20.41 -5.41 16.26
N VAL C 236 20.34 -6.51 15.51
CA VAL C 236 21.36 -6.77 14.50
C VAL C 236 20.74 -7.13 13.15
N VAL C 237 19.45 -7.40 13.11
CA VAL C 237 18.80 -7.79 11.86
C VAL C 237 17.57 -6.92 11.62
N PRO C 238 17.25 -6.59 10.38
CA PRO C 238 16.06 -5.78 10.10
C PRO C 238 14.79 -6.61 10.25
N ASN C 239 13.65 -5.92 10.12
CA ASN C 239 12.37 -6.59 10.14
C ASN C 239 12.25 -7.51 8.92
N ASP C 240 11.72 -8.70 9.16
CA ASP C 240 11.64 -9.71 8.09
C ASP C 240 13.04 -10.00 7.57
N PRO C 241 13.94 -10.52 8.41
CA PRO C 241 15.32 -10.69 7.97
C PRO C 241 15.46 -11.77 6.91
N SER C 242 16.51 -11.63 6.09
CA SER C 242 16.78 -12.57 5.02
C SER C 242 17.70 -13.69 5.50
N PHE C 243 17.82 -14.73 4.67
CA PHE C 243 18.67 -15.86 5.00
C PHE C 243 20.12 -15.41 5.19
N GLU C 244 20.58 -14.47 4.35
CA GLU C 244 21.95 -13.98 4.47
C GLU C 244 22.13 -13.15 5.75
N ASP C 245 21.12 -12.37 6.12
CA ASP C 245 21.24 -11.55 7.32
C ASP C 245 21.41 -12.44 8.56
N MET C 246 20.70 -13.55 8.63
CA MET C 246 20.78 -14.42 9.80
C MET C 246 22.08 -15.20 9.83
N ARG C 247 22.52 -15.74 8.69
CA ARG C 247 23.75 -16.52 8.68
C ARG C 247 24.95 -15.66 9.05
N LYS C 248 24.97 -14.40 8.63
CA LYS C 248 26.08 -13.52 8.95
C LYS C 248 26.07 -13.08 10.40
N VAL C 249 24.96 -13.27 11.12
CA VAL C 249 24.86 -12.87 12.51
C VAL C 249 25.05 -14.04 13.46
N VAL C 250 24.49 -15.20 13.11
CA VAL C 250 24.54 -16.34 14.02
C VAL C 250 25.71 -17.26 13.75
N CYS C 251 26.14 -17.39 12.48
CA CYS C 251 27.22 -18.29 12.11
C CYS C 251 28.57 -17.57 12.03
N VAL C 252 28.66 -16.56 11.16
CA VAL C 252 29.92 -15.82 11.02
C VAL C 252 30.29 -15.14 12.34
N ASP C 253 29.45 -14.21 12.79
CA ASP C 253 29.70 -13.49 14.02
C ASP C 253 29.41 -14.32 15.27
N GLN C 254 28.67 -15.41 15.13
CA GLN C 254 28.35 -16.30 16.25
C GLN C 254 27.77 -15.52 17.43
N GLN C 255 26.83 -14.64 17.12
CA GLN C 255 26.20 -13.80 18.14
C GLN C 255 25.01 -14.53 18.77
N ARG C 256 24.66 -14.09 19.97
CA ARG C 256 23.56 -14.62 20.74
C ARG C 256 22.82 -13.48 21.42
N PRO C 257 21.53 -13.62 21.69
CA PRO C 257 20.79 -12.55 22.37
C PRO C 257 21.49 -12.10 23.65
N ASN C 258 21.42 -10.79 23.91
CA ASN C 258 22.08 -10.21 25.06
C ASN C 258 21.47 -10.72 26.36
N ILE C 259 22.30 -11.24 27.25
CA ILE C 259 21.85 -11.63 28.58
C ILE C 259 22.30 -10.56 29.58
N PRO C 260 21.44 -9.62 29.96
CA PRO C 260 21.85 -8.60 30.93
C PRO C 260 22.35 -9.25 32.21
N ASN C 261 23.36 -8.63 32.81
CA ASN C 261 23.92 -9.19 34.03
C ASN C 261 22.95 -9.07 35.21
N ARG C 262 22.06 -8.07 35.18
CA ARG C 262 21.11 -7.91 36.26
C ARG C 262 20.33 -9.20 36.53
N TRP C 263 20.19 -10.05 35.51
CA TRP C 263 19.48 -11.31 35.70
C TRP C 263 20.13 -12.16 36.78
N PHE C 264 21.45 -12.34 36.69
CA PHE C 264 22.14 -13.23 37.62
C PHE C 264 22.00 -12.78 39.07
N SER C 265 21.58 -11.54 39.31
CA SER C 265 21.23 -11.10 40.65
C SER C 265 19.84 -11.55 41.08
N ASP C 266 19.14 -12.31 40.25
CA ASP C 266 17.81 -12.84 40.54
C ASP C 266 17.83 -14.35 40.30
N PRO C 267 17.40 -15.16 41.26
CA PRO C 267 17.52 -16.62 41.08
C PRO C 267 16.78 -17.14 39.86
N THR C 268 15.53 -16.71 39.65
CA THR C 268 14.74 -17.20 38.54
C THR C 268 15.39 -16.86 37.21
N LEU C 269 15.64 -15.57 36.97
CA LEU C 269 16.28 -15.17 35.72
C LEU C 269 17.63 -15.85 35.55
N THR C 270 18.28 -16.25 36.64
CA THR C 270 19.56 -16.94 36.54
C THR C 270 19.38 -18.36 36.01
N SER C 271 18.44 -19.11 36.59
CA SER C 271 18.17 -20.45 36.09
C SER C 271 17.73 -20.41 34.63
N LEU C 272 16.92 -19.41 34.27
CA LEU C 272 16.56 -19.23 32.86
C LEU C 272 17.75 -18.86 32.02
N ALA C 273 18.59 -17.92 32.52
CA ALA C 273 19.78 -17.54 31.78
C ALA C 273 20.68 -18.76 31.52
N LYS C 274 20.74 -19.69 32.48
CA LYS C 274 21.52 -20.90 32.27
C LYS C 274 20.87 -21.81 31.24
N LEU C 275 19.53 -21.92 31.26
CA LEU C 275 18.85 -22.76 30.28
C LEU C 275 18.98 -22.19 28.88
N MET C 276 18.83 -20.86 28.74
CA MET C 276 19.00 -20.23 27.43
C MET C 276 20.35 -20.58 26.82
N LYS C 277 21.43 -20.32 27.57
CA LYS C 277 22.78 -20.55 27.06
C LYS C 277 22.96 -22.01 26.65
N GLU C 278 22.40 -22.94 27.43
CA GLU C 278 22.54 -24.36 27.12
C GLU C 278 21.68 -24.81 25.94
N CYS C 279 20.88 -23.91 25.36
CA CYS C 279 20.13 -24.20 24.16
C CYS C 279 20.79 -23.65 22.90
N TRP C 280 21.83 -22.81 23.04
CA TRP C 280 22.39 -22.06 21.93
C TRP C 280 23.76 -22.57 21.49
N TYR C 281 24.23 -23.69 22.00
CA TYR C 281 25.51 -24.24 21.56
C TYR C 281 25.52 -24.40 20.05
N GLN C 282 26.58 -23.93 19.41
CA GLN C 282 26.71 -24.14 17.97
C GLN C 282 26.77 -25.62 17.63
N ASN C 283 27.16 -26.47 18.58
CA ASN C 283 27.17 -27.91 18.38
C ASN C 283 25.78 -28.44 18.71
N PRO C 284 25.00 -28.92 17.72
CA PRO C 284 23.64 -29.40 18.03
C PRO C 284 23.59 -30.48 19.10
N SER C 285 24.54 -31.41 19.09
CA SER C 285 24.50 -32.52 20.03
C SER C 285 24.71 -32.07 21.47
N ALA C 286 25.21 -30.85 21.68
CA ALA C 286 25.44 -30.32 23.02
C ALA C 286 24.23 -29.66 23.64
N ARG C 287 23.16 -29.44 22.87
CA ARG C 287 21.99 -28.74 23.37
C ARG C 287 21.13 -29.66 24.23
N LEU C 288 20.49 -29.06 25.24
CA LEU C 288 19.59 -29.81 26.11
C LEU C 288 18.46 -30.45 25.30
N THR C 289 17.81 -31.42 25.94
CA THR C 289 16.58 -32.00 25.41
C THR C 289 15.39 -31.33 26.09
N ALA C 290 14.23 -31.42 25.43
CA ALA C 290 13.02 -30.84 26.00
C ALA C 290 12.73 -31.42 27.38
N LEU C 291 12.99 -32.71 27.57
CA LEU C 291 12.68 -33.34 28.85
C LEU C 291 13.58 -32.80 29.96
N ARG C 292 14.87 -32.58 29.67
CA ARG C 292 15.76 -32.04 30.69
C ARG C 292 15.38 -30.62 31.05
N ILE C 293 14.95 -29.83 30.05
CA ILE C 293 14.48 -28.47 30.33
C ILE C 293 13.24 -28.52 31.21
N LYS C 294 12.35 -29.49 30.97
CA LYS C 294 11.17 -29.64 31.80
C LYS C 294 11.53 -30.04 33.22
N LYS C 295 12.43 -31.03 33.35
CA LYS C 295 12.90 -31.42 34.68
C LYS C 295 13.52 -30.24 35.40
N THR C 296 14.39 -29.49 34.72
CA THR C 296 15.04 -28.34 35.33
C THR C 296 14.01 -27.34 35.86
N LEU C 297 13.03 -27.00 35.03
CA LEU C 297 12.04 -26.00 35.43
C LEU C 297 11.09 -26.52 36.50
N THR C 298 10.86 -27.84 36.55
CA THR C 298 10.00 -28.39 37.59
C THR C 298 10.63 -28.24 38.96
N LYS C 299 11.97 -28.30 39.05
CA LYS C 299 12.66 -28.17 40.32
C LYS C 299 12.75 -26.72 40.81
N ILE C 300 12.63 -25.76 39.90
CA ILE C 300 12.71 -24.35 40.26
C ILE C 300 11.51 -23.95 41.11
N THR D 5 1.83 -2.67 -33.46
CA THR D 5 1.07 -1.66 -32.74
C THR D 5 0.14 -2.29 -31.70
N VAL D 6 -0.47 -3.42 -32.07
CA VAL D 6 -1.54 -3.98 -31.24
C VAL D 6 -1.01 -4.38 -29.87
N ALA D 7 -1.92 -4.42 -28.90
CA ALA D 7 -1.66 -5.01 -27.59
C ALA D 7 -1.92 -6.50 -27.56
N ARG D 8 -1.79 -7.17 -28.71
CA ARG D 8 -2.07 -8.59 -28.79
C ARG D 8 -0.78 -9.40 -28.92
N ASP D 9 0.19 -9.11 -28.06
CA ASP D 9 1.15 -10.10 -27.59
C ASP D 9 0.77 -10.46 -26.16
N ILE D 10 -0.37 -11.14 -26.05
CA ILE D 10 -0.91 -11.63 -24.79
C ILE D 10 -0.80 -13.15 -24.78
N THR D 11 -0.70 -13.72 -23.59
CA THR D 11 -0.75 -15.16 -23.41
C THR D 11 -2.06 -15.52 -22.72
N LEU D 12 -2.82 -16.42 -23.35
CA LEU D 12 -4.10 -16.87 -22.80
C LEU D 12 -3.83 -18.02 -21.85
N LEU D 13 -3.92 -17.76 -20.54
CA LEU D 13 -3.59 -18.77 -19.55
C LEU D 13 -4.73 -19.76 -19.35
N GLU D 14 -5.90 -19.28 -18.94
CA GLU D 14 -7.01 -20.17 -18.62
C GLU D 14 -8.32 -19.50 -19.00
N CYS D 15 -9.30 -20.33 -19.36
CA CYS D 15 -10.63 -19.86 -19.68
C CYS D 15 -11.42 -19.69 -18.38
N VAL D 16 -11.88 -18.47 -18.12
CA VAL D 16 -12.59 -18.15 -16.89
C VAL D 16 -14.10 -18.20 -17.08
N GLY D 17 -14.60 -17.78 -18.24
CA GLY D 17 -16.02 -17.78 -18.49
C GLY D 17 -16.37 -18.22 -19.90
N LYS D 18 -17.33 -19.13 -20.02
CA LYS D 18 -17.83 -19.58 -21.31
C LYS D 18 -19.32 -19.32 -21.39
N GLY D 19 -19.76 -18.81 -22.54
CA GLY D 19 -21.15 -18.50 -22.72
C GLY D 19 -21.45 -18.21 -24.18
N ARG D 20 -22.70 -17.83 -24.44
CA ARG D 20 -23.12 -17.53 -25.82
C ARG D 20 -22.39 -16.31 -26.35
N TYR D 21 -22.17 -15.31 -25.49
CA TYR D 21 -21.43 -14.12 -25.91
C TYR D 21 -20.07 -14.47 -26.49
N GLY D 22 -19.49 -15.59 -26.05
CA GLY D 22 -18.13 -15.94 -26.39
C GLY D 22 -17.44 -16.55 -25.19
N GLU D 23 -16.23 -16.11 -24.90
CA GLU D 23 -15.51 -16.63 -23.75
C GLU D 23 -14.57 -15.56 -23.22
N VAL D 24 -14.30 -15.62 -21.92
CA VAL D 24 -13.39 -14.71 -21.24
C VAL D 24 -12.19 -15.50 -20.76
N TRP D 25 -10.99 -14.96 -20.98
CA TRP D 25 -9.74 -15.63 -20.64
C TRP D 25 -8.96 -14.80 -19.64
N ARG D 26 -8.34 -15.47 -18.67
CA ARG D 26 -7.26 -14.85 -17.93
C ARG D 26 -5.99 -14.97 -18.75
N GLY D 27 -5.40 -13.83 -19.09
CA GLY D 27 -4.16 -13.79 -19.84
C GLY D 27 -3.09 -13.03 -19.11
N SER D 28 -1.90 -13.04 -19.69
CA SER D 28 -0.77 -12.26 -19.20
C SER D 28 -0.37 -11.25 -20.26
N TRP D 29 0.03 -10.06 -19.80
CA TRP D 29 0.44 -8.99 -20.70
C TRP D 29 1.41 -8.10 -19.93
N GLN D 30 2.68 -8.14 -20.31
CA GLN D 30 3.70 -7.31 -19.67
C GLN D 30 3.73 -7.56 -18.16
N GLY D 31 3.68 -8.84 -17.78
CA GLY D 31 3.88 -9.25 -16.40
C GLY D 31 2.67 -9.16 -15.50
N GLU D 32 1.54 -8.66 -15.98
CA GLU D 32 0.35 -8.51 -15.17
C GLU D 32 -0.80 -9.31 -15.78
N ASN D 33 -1.77 -9.65 -14.93
CA ASN D 33 -2.95 -10.37 -15.39
C ASN D 33 -3.91 -9.43 -16.08
N VAL D 34 -4.65 -9.98 -17.05
CA VAL D 34 -5.68 -9.25 -17.77
C VAL D 34 -6.78 -10.23 -18.17
N ALA D 35 -7.98 -9.71 -18.35
CA ALA D 35 -9.10 -10.49 -18.87
C ALA D 35 -9.26 -10.21 -20.35
N VAL D 36 -9.46 -11.27 -21.13
CA VAL D 36 -9.62 -11.17 -22.58
C VAL D 36 -10.98 -11.79 -22.92
N LYS D 37 -11.90 -10.97 -23.40
CA LYS D 37 -13.21 -11.44 -23.85
C LYS D 37 -13.13 -11.64 -25.35
N ILE D 38 -13.23 -12.89 -25.78
CA ILE D 38 -13.17 -13.27 -27.19
C ILE D 38 -14.60 -13.47 -27.67
N PHE D 39 -15.06 -12.56 -28.52
CA PHE D 39 -16.44 -12.57 -28.99
C PHE D 39 -16.61 -13.51 -30.18
N SER D 40 -17.72 -14.23 -30.18
CA SER D 40 -18.15 -14.92 -31.39
C SER D 40 -18.53 -13.90 -32.45
N SER D 41 -18.34 -14.28 -33.72
CA SER D 41 -18.70 -13.37 -34.80
C SER D 41 -20.17 -13.01 -34.80
N ARG D 42 -21.02 -13.85 -34.20
CA ARG D 42 -22.44 -13.52 -34.09
C ARG D 42 -22.67 -12.33 -33.17
N ASP D 43 -21.75 -12.08 -32.23
CA ASP D 43 -21.86 -10.97 -31.30
C ASP D 43 -20.95 -9.81 -31.68
N GLU D 44 -20.58 -9.71 -32.96
CA GLU D 44 -19.75 -8.59 -33.39
C GLU D 44 -20.38 -7.25 -33.04
N LYS D 45 -21.71 -7.17 -33.03
CA LYS D 45 -22.37 -5.93 -32.60
C LYS D 45 -22.17 -5.70 -31.11
N SER D 46 -22.24 -6.77 -30.30
CA SER D 46 -21.95 -6.62 -28.88
C SER D 46 -20.51 -6.15 -28.65
N TRP D 47 -19.60 -6.50 -29.55
CA TRP D 47 -18.22 -6.07 -29.41
C TRP D 47 -18.08 -4.57 -29.65
N PHE D 48 -18.58 -4.09 -30.80
CA PHE D 48 -18.40 -2.68 -31.13
C PHE D 48 -19.13 -1.78 -30.13
N ARG D 49 -20.33 -2.19 -29.70
CA ARG D 49 -21.04 -1.41 -28.69
C ARG D 49 -20.21 -1.28 -27.41
N GLU D 50 -19.78 -2.40 -26.85
CA GLU D 50 -18.98 -2.36 -25.63
C GLU D 50 -17.68 -1.60 -25.85
N THR D 51 -17.07 -1.73 -27.03
CA THR D 51 -15.87 -0.96 -27.33
C THR D 51 -16.20 0.52 -27.45
N GLU D 52 -17.24 0.84 -28.21
CA GLU D 52 -17.65 2.23 -28.38
C GLU D 52 -17.83 2.93 -27.04
N LEU D 53 -18.45 2.24 -26.07
CA LEU D 53 -18.60 2.81 -24.74
C LEU D 53 -17.25 3.20 -24.15
N TYR D 54 -16.31 2.25 -24.11
CA TYR D 54 -14.98 2.54 -23.59
C TYR D 54 -14.19 3.41 -24.55
N ASN D 55 -14.41 3.27 -25.87
CA ASN D 55 -13.51 3.81 -26.86
C ASN D 55 -13.77 5.28 -27.14
N THR D 56 -15.03 5.65 -27.35
CA THR D 56 -15.42 7.02 -27.69
C THR D 56 -16.05 7.76 -26.53
N VAL D 57 -16.85 7.08 -25.71
CA VAL D 57 -17.42 7.72 -24.53
C VAL D 57 -16.39 7.91 -23.43
N MET D 58 -15.29 7.14 -23.47
CA MET D 58 -14.25 7.20 -22.44
C MET D 58 -14.81 6.80 -21.07
N LEU D 59 -15.80 5.91 -21.08
CA LEU D 59 -16.45 5.46 -19.86
C LEU D 59 -15.43 4.86 -18.89
N ARG D 60 -15.18 5.55 -17.79
CA ARG D 60 -14.29 5.06 -16.74
C ARG D 60 -14.89 5.41 -15.39
N HIS D 61 -14.77 4.49 -14.44
CA HIS D 61 -15.33 4.68 -13.11
C HIS D 61 -14.79 3.59 -12.20
N GLU D 62 -14.70 3.90 -10.91
CA GLU D 62 -14.15 2.95 -9.95
C GLU D 62 -14.96 1.66 -9.90
N ASN D 63 -16.25 1.72 -10.22
CA ASN D 63 -17.14 0.57 -10.12
C ASN D 63 -17.59 0.07 -11.49
N ILE D 64 -16.86 0.43 -12.54
N ILE D 64 -16.86 0.42 -12.54
CA ILE D 64 -17.08 -0.08 -13.90
CA ILE D 64 -17.11 -0.09 -13.89
C ILE D 64 -15.85 -0.85 -14.32
C ILE D 64 -15.85 -0.83 -14.36
N LEU D 65 -16.05 -1.99 -14.96
CA LEU D 65 -14.93 -2.81 -15.41
C LEU D 65 -13.95 -2.00 -16.26
N GLY D 66 -12.69 -1.97 -15.83
CA GLY D 66 -11.76 -1.00 -16.35
C GLY D 66 -11.25 -1.40 -17.72
N PHE D 67 -11.46 -0.55 -18.73
CA PHE D 67 -10.98 -0.81 -20.08
C PHE D 67 -9.45 -0.78 -20.14
N ILE D 68 -8.88 -1.67 -20.95
CA ILE D 68 -7.45 -1.67 -21.24
C ILE D 68 -7.21 -1.55 -22.74
N ALA D 69 -7.93 -2.33 -23.54
CA ALA D 69 -7.73 -2.30 -24.99
C ALA D 69 -8.84 -3.07 -25.66
N SER D 70 -9.02 -2.81 -26.95
CA SER D 70 -9.92 -3.57 -27.80
C SER D 70 -9.24 -3.76 -29.15
N ASP D 71 -9.45 -4.92 -29.76
CA ASP D 71 -8.78 -5.27 -31.00
C ASP D 71 -9.70 -6.09 -31.89
N MET D 72 -9.85 -5.64 -33.12
CA MET D 72 -10.56 -6.41 -34.16
C MET D 72 -9.62 -6.58 -35.34
N THR D 73 -9.41 -7.83 -35.74
CA THR D 73 -8.70 -8.15 -36.97
C THR D 73 -9.65 -8.93 -37.84
N SER D 74 -9.81 -8.49 -39.10
CA SER D 74 -10.82 -9.07 -39.97
C SER D 74 -10.32 -9.11 -41.40
N ARG D 75 -10.39 -10.31 -41.99
CA ARG D 75 -10.21 -10.50 -43.42
C ARG D 75 -11.24 -11.52 -43.88
N HIS D 76 -11.38 -11.66 -45.19
CA HIS D 76 -12.31 -12.66 -45.72
C HIS D 76 -12.03 -14.04 -45.15
N SER D 77 -10.79 -14.28 -44.73
CA SER D 77 -10.42 -15.58 -44.17
C SER D 77 -11.00 -15.76 -42.77
N SER D 78 -10.80 -14.78 -41.89
CA SER D 78 -11.28 -14.87 -40.52
C SER D 78 -11.38 -13.47 -39.93
N THR D 79 -12.11 -13.36 -38.82
CA THR D 79 -12.22 -12.11 -38.08
C THR D 79 -12.21 -12.43 -36.58
N GLN D 80 -11.36 -11.73 -35.84
CA GLN D 80 -11.21 -11.94 -34.41
C GLN D 80 -11.60 -10.66 -33.67
N LEU D 81 -12.35 -10.82 -32.58
CA LEU D 81 -12.87 -9.70 -31.79
C LEU D 81 -12.44 -9.88 -30.35
N TRP D 82 -11.52 -9.04 -29.89
CA TRP D 82 -11.01 -9.11 -28.52
C TRP D 82 -11.29 -7.79 -27.79
N LEU D 83 -11.74 -7.90 -26.54
CA LEU D 83 -11.84 -6.79 -25.61
C LEU D 83 -11.05 -7.15 -24.36
N ILE D 84 -10.10 -6.31 -23.99
CA ILE D 84 -9.18 -6.58 -22.88
C ILE D 84 -9.44 -5.58 -21.76
N THR D 85 -9.65 -6.10 -20.54
CA THR D 85 -9.91 -5.29 -19.37
C THR D 85 -9.02 -5.76 -18.22
N HIS D 86 -9.13 -5.09 -17.08
CA HIS D 86 -8.43 -5.54 -15.88
C HIS D 86 -9.04 -6.84 -15.39
N TYR D 87 -8.18 -7.70 -14.85
CA TYR D 87 -8.62 -8.99 -14.35
C TYR D 87 -8.95 -8.90 -12.86
N HIS D 88 -9.88 -9.74 -12.43
CA HIS D 88 -10.35 -9.78 -11.04
C HIS D 88 -10.36 -11.21 -10.54
N GLU D 89 -9.31 -11.58 -9.80
CA GLU D 89 -9.19 -12.95 -9.31
C GLU D 89 -10.37 -13.37 -8.46
N MET D 90 -11.04 -12.41 -7.81
CA MET D 90 -12.16 -12.74 -6.93
C MET D 90 -13.36 -13.28 -7.69
N GLY D 91 -13.41 -13.10 -9.01
CA GLY D 91 -14.51 -13.60 -9.80
C GLY D 91 -15.71 -12.66 -9.79
N SER D 92 -16.86 -13.23 -10.13
CA SER D 92 -18.10 -12.48 -10.14
C SER D 92 -18.75 -12.49 -8.75
N LEU D 93 -19.57 -11.48 -8.50
CA LEU D 93 -20.36 -11.47 -7.27
C LEU D 93 -21.11 -12.78 -7.10
N TYR D 94 -21.59 -13.35 -8.21
CA TYR D 94 -22.24 -14.65 -8.18
C TYR D 94 -21.36 -15.69 -7.50
N ASP D 95 -20.15 -15.91 -8.04
CA ASP D 95 -19.21 -16.84 -7.42
C ASP D 95 -18.93 -16.45 -5.98
N TYR D 96 -18.59 -15.17 -5.75
CA TYR D 96 -18.17 -14.72 -4.43
C TYR D 96 -19.20 -15.06 -3.36
N LEU D 97 -20.45 -14.67 -3.57
CA LEU D 97 -21.50 -14.94 -2.59
C LEU D 97 -21.70 -16.44 -2.37
N GLN D 98 -21.33 -17.27 -3.35
CA GLN D 98 -21.52 -18.71 -3.23
C GLN D 98 -20.78 -19.30 -2.04
N LEU D 99 -19.75 -18.61 -1.53
CA LEU D 99 -18.89 -19.20 -0.51
C LEU D 99 -18.36 -18.17 0.48
N THR D 100 -19.12 -17.11 0.73
CA THR D 100 -18.69 -16.05 1.62
C THR D 100 -19.87 -15.57 2.46
N THR D 101 -19.57 -15.13 3.67
CA THR D 101 -20.54 -14.52 4.56
C THR D 101 -20.20 -13.04 4.75
N LEU D 102 -21.22 -12.21 4.84
CA LEU D 102 -21.06 -10.77 4.93
C LEU D 102 -21.48 -10.27 6.31
N ASP D 103 -20.97 -9.10 6.67
CA ASP D 103 -21.41 -8.38 7.85
C ASP D 103 -21.90 -7.00 7.40
N THR D 104 -22.21 -6.15 8.39
CA THR D 104 -22.69 -4.82 8.05
C THR D 104 -21.74 -4.11 7.11
N VAL D 105 -20.45 -4.10 7.43
CA VAL D 105 -19.48 -3.31 6.66
C VAL D 105 -19.42 -3.80 5.23
N SER D 106 -19.05 -5.07 5.03
CA SER D 106 -18.84 -5.59 3.68
C SER D 106 -20.13 -5.56 2.85
N CYS D 107 -21.28 -5.79 3.48
CA CYS D 107 -22.54 -5.77 2.74
C CYS D 107 -22.81 -4.39 2.15
N LEU D 108 -22.71 -3.34 2.97
CA LEU D 108 -22.89 -1.98 2.46
C LEU D 108 -21.86 -1.64 1.41
N ARG D 109 -20.62 -2.12 1.57
CA ARG D 109 -19.58 -1.85 0.59
C ARG D 109 -19.93 -2.46 -0.76
N ILE D 110 -20.30 -3.76 -0.77
CA ILE D 110 -20.74 -4.40 -1.99
C ILE D 110 -21.91 -3.64 -2.60
N VAL D 111 -22.98 -3.48 -1.82
CA VAL D 111 -24.22 -2.90 -2.35
C VAL D 111 -24.00 -1.46 -2.79
N LEU D 112 -23.49 -0.62 -1.89
CA LEU D 112 -23.22 0.77 -2.24
C LEU D 112 -22.30 0.86 -3.45
N SER D 113 -21.36 -0.09 -3.58
CA SER D 113 -20.46 -0.09 -4.73
C SER D 113 -21.24 -0.27 -6.03
N ILE D 114 -22.18 -1.21 -6.05
CA ILE D 114 -22.96 -1.46 -7.25
C ILE D 114 -23.83 -0.25 -7.58
N ALA D 115 -24.50 0.31 -6.56
CA ALA D 115 -25.39 1.44 -6.79
C ALA D 115 -24.62 2.65 -7.32
N SER D 116 -23.39 2.85 -6.82
CA SER D 116 -22.56 3.94 -7.32
C SER D 116 -22.23 3.73 -8.80
N GLY D 117 -21.79 2.53 -9.15
CA GLY D 117 -21.49 2.24 -10.55
C GLY D 117 -22.71 2.35 -11.43
N LEU D 118 -23.81 1.70 -11.05
CA LEU D 118 -25.05 1.86 -11.79
C LEU D 118 -25.47 3.31 -11.86
N ALA D 119 -25.31 4.05 -10.76
CA ALA D 119 -25.63 5.46 -10.74
C ALA D 119 -24.82 6.22 -11.79
N HIS D 120 -23.49 6.08 -11.74
CA HIS D 120 -22.64 6.76 -12.72
C HIS D 120 -23.02 6.35 -14.14
N LEU D 121 -23.42 5.10 -14.33
CA LEU D 121 -23.80 4.64 -15.66
C LEU D 121 -25.09 5.32 -16.14
N HIS D 122 -26.03 5.56 -15.22
CA HIS D 122 -27.33 6.11 -15.61
C HIS D 122 -27.28 7.62 -15.81
N ILE D 123 -26.58 8.33 -14.92
CA ILE D 123 -26.64 9.79 -14.92
C ILE D 123 -25.85 10.35 -16.10
N GLU D 124 -26.50 11.21 -16.88
CA GLU D 124 -25.83 11.86 -18.00
C GLU D 124 -25.01 13.05 -17.51
N ILE D 125 -23.86 13.25 -18.13
CA ILE D 125 -22.98 14.38 -17.85
C ILE D 125 -22.91 15.23 -19.12
N PHE D 126 -23.25 16.50 -19.00
CA PHE D 126 -23.21 17.40 -20.14
C PHE D 126 -21.84 18.06 -20.26
N GLY D 127 -21.49 18.46 -21.46
CA GLY D 127 -20.20 19.03 -21.76
C GLY D 127 -19.35 18.11 -22.62
N THR D 128 -18.22 18.66 -23.08
CA THR D 128 -17.34 17.89 -23.95
C THR D 128 -16.68 16.73 -23.22
N GLN D 129 -16.48 16.86 -21.90
CA GLN D 129 -15.90 15.81 -21.09
C GLN D 129 -16.96 14.98 -20.36
N GLY D 130 -18.21 15.07 -20.79
CA GLY D 130 -19.31 14.34 -20.17
C GLY D 130 -19.56 13.00 -20.84
N LYS D 131 -20.80 12.53 -20.76
CA LYS D 131 -21.16 11.23 -21.30
C LYS D 131 -22.67 11.15 -21.40
N PRO D 132 -23.21 10.37 -22.34
CA PRO D 132 -24.65 10.15 -22.40
C PRO D 132 -25.11 9.25 -21.27
N ALA D 133 -26.42 9.30 -21.00
CA ALA D 133 -27.02 8.32 -20.11
C ALA D 133 -26.85 6.94 -20.72
N ILE D 134 -26.65 5.93 -19.86
CA ILE D 134 -26.39 4.57 -20.30
C ILE D 134 -27.29 3.62 -19.54
N ALA D 135 -27.92 2.70 -20.25
CA ALA D 135 -28.73 1.63 -19.67
C ALA D 135 -28.03 0.31 -19.90
N HIS D 136 -27.74 -0.41 -18.81
CA HIS D 136 -26.96 -1.64 -18.91
C HIS D 136 -27.72 -2.71 -19.67
N ARG D 137 -28.90 -3.11 -19.16
CA ARG D 137 -29.83 -4.05 -19.78
C ARG D 137 -29.49 -5.51 -19.53
N ASP D 138 -28.50 -5.80 -18.68
CA ASP D 138 -28.22 -7.18 -18.31
C ASP D 138 -27.62 -7.28 -16.91
N LEU D 139 -27.99 -6.34 -16.04
CA LEU D 139 -27.48 -6.32 -14.67
C LEU D 139 -27.85 -7.62 -13.95
N LYS D 140 -26.85 -8.31 -13.43
CA LYS D 140 -27.05 -9.53 -12.66
C LYS D 140 -25.77 -9.83 -11.89
N SER D 141 -25.89 -10.73 -10.92
CA SER D 141 -24.76 -11.02 -10.04
C SER D 141 -23.56 -11.57 -10.80
N LYS D 142 -23.78 -12.25 -11.93
CA LYS D 142 -22.67 -12.77 -12.71
C LYS D 142 -21.99 -11.72 -13.56
N ASN D 143 -22.57 -10.52 -13.69
CA ASN D 143 -21.96 -9.43 -14.42
C ASN D 143 -21.41 -8.35 -13.48
N ILE D 144 -21.29 -8.68 -12.20
CA ILE D 144 -20.70 -7.80 -11.20
C ILE D 144 -19.45 -8.49 -10.66
N LEU D 145 -18.31 -7.81 -10.78
CA LEU D 145 -17.03 -8.37 -10.35
C LEU D 145 -16.64 -7.86 -8.97
N VAL D 146 -16.17 -8.76 -8.14
CA VAL D 146 -15.71 -8.43 -6.79
C VAL D 146 -14.21 -8.17 -6.84
N LYS D 147 -13.80 -7.01 -6.34
CA LYS D 147 -12.39 -6.66 -6.27
C LYS D 147 -11.76 -7.28 -5.03
N LYS D 148 -10.45 -7.06 -4.86
CA LYS D 148 -9.76 -7.61 -3.70
C LYS D 148 -10.03 -6.81 -2.43
N ASN D 149 -10.36 -5.52 -2.55
CA ASN D 149 -10.59 -4.68 -1.38
C ASN D 149 -12.02 -4.77 -0.86
N GLY D 150 -12.89 -5.55 -1.49
CA GLY D 150 -14.25 -5.75 -1.03
C GLY D 150 -15.32 -5.05 -1.84
N GLN D 151 -14.96 -4.11 -2.71
CA GLN D 151 -15.92 -3.42 -3.54
C GLN D 151 -16.20 -4.22 -4.81
N CYS D 152 -17.06 -3.68 -5.66
CA CYS D 152 -17.48 -4.34 -6.89
C CYS D 152 -17.40 -3.35 -8.05
N CYS D 153 -17.46 -3.89 -9.26
CA CYS D 153 -17.54 -3.09 -10.47
C CYS D 153 -18.45 -3.79 -11.48
N ILE D 154 -19.24 -3.00 -12.20
CA ILE D 154 -20.22 -3.54 -13.13
C ILE D 154 -19.52 -3.87 -14.45
N ALA D 155 -19.81 -5.05 -15.00
CA ALA D 155 -19.16 -5.52 -16.20
C ALA D 155 -20.20 -5.93 -17.24
N ASP D 156 -19.73 -6.09 -18.47
CA ASP D 156 -20.55 -6.52 -19.60
C ASP D 156 -21.47 -5.40 -20.07
N LEU D 157 -20.95 -4.52 -20.93
CA LEU D 157 -21.71 -3.45 -21.55
C LEU D 157 -22.16 -3.81 -22.96
N GLY D 158 -22.13 -5.09 -23.31
CA GLY D 158 -22.40 -5.49 -24.69
C GLY D 158 -23.79 -5.10 -25.16
N LEU D 159 -24.77 -5.16 -24.26
CA LEU D 159 -26.16 -4.85 -24.61
C LEU D 159 -26.57 -3.43 -24.24
N ALA D 160 -25.66 -2.63 -23.70
CA ALA D 160 -26.01 -1.30 -23.22
C ALA D 160 -26.56 -0.43 -24.34
N VAL D 161 -27.52 0.42 -23.98
CA VAL D 161 -28.04 1.46 -24.85
C VAL D 161 -27.76 2.80 -24.20
N MET D 162 -27.46 3.81 -25.02
CA MET D 162 -27.10 5.13 -24.53
C MET D 162 -28.00 6.18 -25.17
N HIS D 163 -28.25 7.26 -24.43
CA HIS D 163 -29.12 8.31 -24.91
C HIS D 163 -28.75 9.63 -24.23
N SER D 164 -28.98 10.72 -24.94
CA SER D 164 -28.71 12.06 -24.42
C SER D 164 -29.36 13.07 -25.35
N GLN D 165 -29.45 14.31 -24.85
CA GLN D 165 -29.94 15.43 -25.65
C GLN D 165 -29.35 16.75 -25.16
N ARG D 177 -35.79 -7.31 -24.47
CA ARG D 177 -35.81 -8.37 -25.48
C ARG D 177 -34.67 -9.36 -25.24
N VAL D 178 -33.44 -8.85 -25.23
CA VAL D 178 -32.26 -9.66 -24.89
C VAL D 178 -31.89 -9.38 -23.45
N GLY D 179 -31.32 -10.37 -22.79
CA GLY D 179 -30.94 -10.29 -21.39
C GLY D 179 -31.35 -11.54 -20.65
N THR D 180 -30.67 -11.80 -19.54
CA THR D 180 -30.93 -12.99 -18.74
C THR D 180 -32.38 -13.01 -18.29
N LYS D 181 -33.09 -14.10 -18.60
CA LYS D 181 -34.53 -14.15 -18.40
C LYS D 181 -34.88 -14.08 -16.91
N ARG D 182 -34.08 -14.72 -16.06
CA ARG D 182 -34.37 -14.72 -14.62
C ARG D 182 -34.47 -13.31 -14.06
N TYR D 183 -33.81 -12.33 -14.67
CA TYR D 183 -33.75 -10.97 -14.17
C TYR D 183 -34.65 -10.00 -14.93
N MET D 184 -35.33 -10.46 -15.99
CA MET D 184 -36.18 -9.57 -16.76
C MET D 184 -37.28 -8.99 -15.89
N ALA D 185 -37.66 -7.74 -16.20
CA ALA D 185 -38.68 -7.03 -15.44
C ALA D 185 -40.07 -7.39 -15.94
N PRO D 186 -41.11 -7.14 -15.13
CA PRO D 186 -42.47 -7.43 -15.59
C PRO D 186 -42.80 -6.80 -16.94
N GLU D 187 -42.58 -5.49 -17.08
CA GLU D 187 -42.86 -4.81 -18.34
C GLU D 187 -42.07 -5.39 -19.51
N VAL D 188 -41.10 -6.26 -19.26
CA VAL D 188 -40.41 -6.99 -20.31
C VAL D 188 -41.03 -8.36 -20.55
N LEU D 189 -41.52 -9.02 -19.50
CA LEU D 189 -42.23 -10.28 -19.63
C LEU D 189 -43.65 -10.07 -20.12
N ASP D 190 -44.28 -8.95 -19.74
CA ASP D 190 -45.59 -8.62 -20.30
C ASP D 190 -45.47 -8.09 -21.72
N GLU D 191 -44.35 -7.46 -22.06
CA GLU D 191 -44.15 -6.69 -23.29
C GLU D 191 -44.78 -5.31 -23.18
N THR D 192 -45.03 -4.85 -21.95
CA THR D 192 -45.58 -3.53 -21.69
C THR D 192 -44.56 -2.41 -21.83
N ILE D 193 -43.26 -2.73 -21.74
CA ILE D 193 -42.23 -1.70 -21.65
C ILE D 193 -42.34 -0.76 -22.85
N GLN D 194 -42.28 0.55 -22.57
CA GLN D 194 -42.31 1.58 -23.61
C GLN D 194 -40.99 1.55 -24.37
N VAL D 195 -41.00 0.93 -25.55
CA VAL D 195 -39.76 0.66 -26.28
C VAL D 195 -38.99 1.95 -26.55
N ASP D 196 -39.68 2.94 -27.13
CA ASP D 196 -39.00 4.14 -27.63
C ASP D 196 -38.67 5.15 -26.54
N CYS D 197 -38.95 4.85 -25.27
CA CYS D 197 -38.58 5.73 -24.16
C CYS D 197 -37.31 5.20 -23.52
N PHE D 198 -36.26 6.03 -23.52
CA PHE D 198 -35.00 5.58 -22.92
C PHE D 198 -35.15 5.36 -21.42
N ASP D 199 -35.87 6.24 -20.74
CA ASP D 199 -36.00 6.14 -19.29
C ASP D 199 -36.54 4.79 -18.85
N SER D 200 -37.27 4.09 -19.72
CA SER D 200 -37.80 2.78 -19.36
C SER D 200 -36.68 1.75 -19.25
N TYR D 201 -35.64 1.87 -20.08
CA TYR D 201 -34.48 0.98 -19.94
C TYR D 201 -33.80 1.18 -18.59
N LYS D 202 -33.63 2.44 -18.19
CA LYS D 202 -33.11 2.69 -16.84
C LYS D 202 -33.96 1.99 -15.79
N ARG D 203 -35.26 1.85 -16.05
CA ARG D 203 -36.15 1.27 -15.04
C ARG D 203 -36.05 -0.24 -14.97
N VAL D 204 -35.79 -0.91 -16.09
CA VAL D 204 -35.53 -2.35 -16.03
C VAL D 204 -34.21 -2.62 -15.30
N ASP D 205 -33.25 -1.70 -15.38
CA ASP D 205 -32.02 -1.86 -14.62
C ASP D 205 -32.30 -1.90 -13.12
N ILE D 206 -33.14 -0.98 -12.63
CA ILE D 206 -33.45 -0.94 -11.21
C ILE D 206 -34.11 -2.25 -10.77
N TRP D 207 -34.98 -2.80 -11.62
CA TRP D 207 -35.56 -4.10 -11.32
C TRP D 207 -34.47 -5.13 -11.08
N ALA D 208 -33.55 -5.27 -12.03
CA ALA D 208 -32.44 -6.21 -11.86
C ALA D 208 -31.63 -5.88 -10.60
N PHE D 209 -31.36 -4.60 -10.36
CA PHE D 209 -30.57 -4.23 -9.19
C PHE D 209 -31.23 -4.72 -7.91
N GLY D 210 -32.54 -4.57 -7.80
CA GLY D 210 -33.23 -5.03 -6.61
C GLY D 210 -33.06 -6.52 -6.38
N LEU D 211 -33.11 -7.30 -7.45
CA LEU D 211 -32.85 -8.73 -7.34
C LEU D 211 -31.42 -8.98 -6.86
N VAL D 212 -30.46 -8.27 -7.43
CA VAL D 212 -29.08 -8.37 -6.96
C VAL D 212 -29.00 -8.00 -5.48
N LEU D 213 -29.67 -6.90 -5.11
CA LEU D 213 -29.72 -6.51 -3.70
C LEU D 213 -30.23 -7.65 -2.83
N TRP D 214 -31.23 -8.39 -3.33
CA TRP D 214 -31.77 -9.53 -2.58
C TRP D 214 -30.73 -10.62 -2.43
N GLU D 215 -30.00 -10.93 -3.51
CA GLU D 215 -28.96 -11.95 -3.43
C GLU D 215 -27.94 -11.62 -2.35
N VAL D 216 -27.56 -10.35 -2.24
CA VAL D 216 -26.51 -9.95 -1.31
C VAL D 216 -27.01 -10.05 0.13
N ALA D 217 -28.19 -9.49 0.40
CA ALA D 217 -28.68 -9.44 1.77
C ALA D 217 -28.85 -10.84 2.37
N ARG D 218 -29.16 -11.83 1.54
CA ARG D 218 -29.30 -13.20 2.04
C ARG D 218 -28.03 -13.68 2.71
N ARG D 219 -26.87 -13.25 2.22
CA ARG D 219 -25.58 -13.73 2.71
C ARG D 219 -25.06 -12.94 3.90
N MET D 220 -25.70 -11.84 4.26
CA MET D 220 -25.27 -11.06 5.43
C MET D 220 -25.76 -11.75 6.70
N VAL D 221 -24.82 -12.13 7.56
CA VAL D 221 -25.18 -12.75 8.82
C VAL D 221 -25.82 -11.72 9.74
N SER D 222 -26.84 -12.15 10.48
CA SER D 222 -27.54 -11.26 11.40
C SER D 222 -28.10 -12.09 12.55
N ASN D 223 -27.75 -11.71 13.78
CA ASN D 223 -28.16 -12.44 14.97
C ASN D 223 -27.91 -13.94 14.81
N GLY D 224 -26.70 -14.27 14.36
CA GLY D 224 -26.32 -15.66 14.21
C GLY D 224 -27.21 -16.45 13.28
N ILE D 225 -27.64 -15.85 12.17
CA ILE D 225 -28.45 -16.55 11.17
C ILE D 225 -28.11 -15.99 9.80
N VAL D 226 -28.02 -16.88 8.81
CA VAL D 226 -27.73 -16.51 7.44
C VAL D 226 -28.39 -17.52 6.51
N GLU D 227 -28.90 -17.02 5.38
CA GLU D 227 -29.52 -17.88 4.39
C GLU D 227 -28.49 -18.36 3.38
N ASP D 228 -28.59 -19.63 3.00
CA ASP D 228 -27.78 -20.13 1.89
C ASP D 228 -28.00 -19.27 0.66
N TYR D 229 -26.94 -19.11 -0.15
CA TYR D 229 -27.12 -18.38 -1.38
C TYR D 229 -28.11 -19.08 -2.29
N LYS D 230 -28.99 -18.30 -2.89
CA LYS D 230 -29.90 -18.79 -3.91
C LYS D 230 -30.03 -17.72 -5.00
N PRO D 231 -30.28 -18.11 -6.24
CA PRO D 231 -30.51 -17.13 -7.29
C PRO D 231 -31.93 -16.59 -7.24
N PRO D 232 -32.19 -15.44 -7.84
CA PRO D 232 -33.55 -14.89 -7.81
C PRO D 232 -34.56 -15.84 -8.44
N PHE D 233 -35.68 -16.03 -7.75
CA PHE D 233 -36.78 -16.87 -8.19
C PHE D 233 -36.41 -18.34 -8.27
N TYR D 234 -35.36 -18.76 -7.53
CA TYR D 234 -35.02 -20.17 -7.45
C TYR D 234 -36.18 -21.02 -6.98
N ASP D 235 -37.14 -20.42 -6.27
CA ASP D 235 -38.21 -21.17 -5.62
C ASP D 235 -39.37 -21.45 -6.57
N VAL D 236 -39.56 -20.61 -7.59
CA VAL D 236 -40.73 -20.72 -8.46
C VAL D 236 -40.35 -21.02 -9.91
N VAL D 237 -39.07 -21.03 -10.24
CA VAL D 237 -38.65 -21.18 -11.64
C VAL D 237 -37.58 -22.26 -11.74
N PRO D 238 -37.52 -23.00 -12.86
CA PRO D 238 -36.43 -23.97 -13.03
C PRO D 238 -35.11 -23.28 -13.35
N ASN D 239 -34.06 -24.06 -13.58
CA ASN D 239 -32.80 -23.51 -14.05
C ASN D 239 -32.86 -23.22 -15.53
N ASP D 240 -32.28 -22.11 -15.94
CA ASP D 240 -32.34 -21.68 -17.34
C ASP D 240 -33.81 -21.52 -17.75
N PRO D 241 -34.56 -20.68 -17.06
CA PRO D 241 -36.01 -20.60 -17.31
C PRO D 241 -36.32 -20.08 -18.70
N SER D 242 -37.59 -20.20 -19.06
CA SER D 242 -38.12 -19.66 -20.31
C SER D 242 -38.91 -18.39 -20.05
N PHE D 243 -39.23 -17.69 -21.13
CA PHE D 243 -40.01 -16.46 -21.02
C PHE D 243 -41.32 -16.71 -20.29
N GLU D 244 -42.09 -17.71 -20.74
CA GLU D 244 -43.40 -17.96 -20.16
C GLU D 244 -43.30 -18.34 -18.69
N ASP D 245 -42.28 -19.12 -18.33
CA ASP D 245 -42.08 -19.48 -16.93
C ASP D 245 -42.03 -18.23 -16.06
N MET D 246 -41.21 -17.26 -16.43
CA MET D 246 -41.09 -16.03 -15.65
C MET D 246 -42.37 -15.20 -15.74
N ARG D 247 -43.06 -15.23 -16.87
CA ARG D 247 -44.30 -14.48 -17.00
C ARG D 247 -45.35 -14.99 -16.01
N LYS D 248 -45.52 -16.31 -15.93
CA LYS D 248 -46.45 -16.90 -14.99
CA LYS D 248 -46.45 -16.90 -14.99
C LYS D 248 -46.03 -16.70 -13.54
N VAL D 249 -44.79 -16.29 -13.29
CA VAL D 249 -44.30 -16.06 -11.94
C VAL D 249 -44.29 -14.57 -11.59
N VAL D 250 -43.86 -13.73 -12.53
CA VAL D 250 -43.65 -12.31 -12.24
C VAL D 250 -44.88 -11.48 -12.58
N CYS D 251 -45.52 -11.73 -13.72
CA CYS D 251 -46.62 -10.90 -14.19
C CYS D 251 -47.97 -11.45 -13.75
N VAL D 252 -48.25 -12.71 -14.10
CA VAL D 252 -49.52 -13.34 -13.74
C VAL D 252 -49.66 -13.40 -12.22
N ASP D 253 -48.86 -14.25 -11.58
CA ASP D 253 -48.89 -14.36 -10.13
C ASP D 253 -48.41 -13.10 -9.43
N GLN D 254 -47.80 -12.17 -10.16
CA GLN D 254 -47.17 -10.99 -9.55
C GLN D 254 -46.36 -11.40 -8.32
N GLN D 255 -45.52 -12.41 -8.51
CA GLN D 255 -44.72 -12.95 -7.41
C GLN D 255 -43.45 -12.14 -7.23
N ARG D 256 -43.00 -12.02 -5.99
CA ARG D 256 -41.80 -11.30 -5.63
C ARG D 256 -40.94 -12.16 -4.73
N PRO D 257 -39.62 -11.91 -4.71
CA PRO D 257 -38.73 -12.70 -3.85
C PRO D 257 -39.08 -12.52 -2.38
N ASN D 258 -39.15 -13.65 -1.67
CA ASN D 258 -39.51 -13.62 -0.26
C ASN D 258 -38.45 -12.90 0.56
N ILE D 259 -38.89 -12.06 1.49
CA ILE D 259 -38.01 -11.37 2.42
C ILE D 259 -38.05 -12.14 3.74
N PRO D 260 -36.94 -12.73 4.18
CA PRO D 260 -36.97 -13.50 5.42
C PRO D 260 -37.40 -12.65 6.60
N ASN D 261 -38.03 -13.31 7.58
CA ASN D 261 -38.53 -12.60 8.76
C ASN D 261 -37.37 -12.07 9.60
N ARG D 262 -36.26 -12.81 9.68
CA ARG D 262 -35.15 -12.40 10.51
C ARG D 262 -34.52 -11.09 10.05
N TRP D 263 -34.82 -10.65 8.81
CA TRP D 263 -34.30 -9.37 8.35
C TRP D 263 -34.86 -8.21 9.17
N PHE D 264 -36.11 -8.32 9.62
CA PHE D 264 -36.76 -7.22 10.32
C PHE D 264 -36.38 -7.14 11.79
N SER D 265 -35.44 -7.96 12.25
CA SER D 265 -34.78 -7.78 13.54
C SER D 265 -33.36 -7.24 13.38
N ASP D 266 -33.03 -6.73 12.18
CA ASP D 266 -31.76 -6.09 11.90
C ASP D 266 -32.04 -4.77 11.20
N PRO D 267 -31.43 -3.67 11.64
CA PRO D 267 -31.78 -2.37 11.05
C PRO D 267 -31.31 -2.21 9.61
N THR D 268 -30.11 -2.71 9.28
CA THR D 268 -29.64 -2.60 7.91
C THR D 268 -30.43 -3.49 6.97
N LEU D 269 -30.74 -4.72 7.40
CA LEU D 269 -31.53 -5.62 6.57
C LEU D 269 -32.93 -5.06 6.33
N THR D 270 -33.56 -4.50 7.37
CA THR D 270 -34.85 -3.86 7.18
C THR D 270 -34.77 -2.74 6.16
N SER D 271 -33.73 -1.89 6.27
CA SER D 271 -33.56 -0.80 5.32
C SER D 271 -33.43 -1.35 3.90
N LEU D 272 -32.59 -2.36 3.71
CA LEU D 272 -32.46 -2.97 2.39
C LEU D 272 -33.77 -3.58 1.93
N ALA D 273 -34.50 -4.22 2.85
CA ALA D 273 -35.80 -4.79 2.50
C ALA D 273 -36.71 -3.74 1.89
N LYS D 274 -36.78 -2.56 2.52
CA LYS D 274 -37.58 -1.48 1.97
C LYS D 274 -37.00 -0.99 0.65
N LEU D 275 -35.67 -0.89 0.55
CA LEU D 275 -35.05 -0.50 -0.71
C LEU D 275 -35.27 -1.56 -1.78
N MET D 276 -35.33 -2.83 -1.41
CA MET D 276 -35.66 -3.88 -2.36
C MET D 276 -37.08 -3.73 -2.88
N LYS D 277 -38.06 -3.77 -1.97
CA LYS D 277 -39.46 -3.70 -2.39
C LYS D 277 -39.73 -2.45 -3.22
N GLU D 278 -38.95 -1.38 -3.01
CA GLU D 278 -39.12 -0.16 -3.79
C GLU D 278 -38.51 -0.27 -5.18
N CYS D 279 -37.80 -1.35 -5.49
CA CYS D 279 -37.30 -1.61 -6.83
C CYS D 279 -38.20 -2.53 -7.64
N TRP D 280 -39.26 -3.08 -7.03
CA TRP D 280 -40.02 -4.16 -7.64
C TRP D 280 -41.46 -3.76 -7.98
N TYR D 281 -41.81 -2.48 -7.88
CA TYR D 281 -43.16 -2.06 -8.21
C TYR D 281 -43.50 -2.47 -9.65
N GLN D 282 -44.69 -3.05 -9.83
CA GLN D 282 -45.11 -3.45 -11.17
C GLN D 282 -45.14 -2.29 -12.14
N ASN D 283 -45.26 -1.05 -11.63
CA ASN D 283 -45.26 0.13 -12.48
C ASN D 283 -43.84 0.66 -12.62
N PRO D 284 -43.25 0.65 -13.82
CA PRO D 284 -41.86 1.11 -13.97
C PRO D 284 -41.62 2.50 -13.41
N SER D 285 -42.48 3.47 -13.74
CA SER D 285 -42.26 4.84 -13.29
C SER D 285 -42.27 4.99 -11.77
N ALA D 286 -42.68 3.96 -11.04
CA ALA D 286 -42.72 4.01 -9.58
C ALA D 286 -41.43 3.52 -8.92
N ARG D 287 -40.56 2.85 -9.66
CA ARG D 287 -39.32 2.37 -9.08
C ARG D 287 -38.35 3.52 -8.85
N LEU D 288 -37.39 3.28 -7.96
CA LEU D 288 -36.40 4.30 -7.64
C LEU D 288 -35.51 4.60 -8.83
N THR D 289 -34.76 5.69 -8.71
CA THR D 289 -33.69 6.02 -9.65
C THR D 289 -32.35 5.58 -9.08
N ALA D 290 -31.38 5.39 -9.98
CA ALA D 290 -30.05 5.00 -9.53
C ALA D 290 -29.51 5.95 -8.48
N LEU D 291 -29.70 7.26 -8.69
CA LEU D 291 -29.15 8.23 -7.75
C LEU D 291 -29.85 8.15 -6.41
N ARG D 292 -31.17 7.96 -6.40
CA ARG D 292 -31.90 7.88 -5.14
C ARG D 292 -31.45 6.67 -4.32
N ILE D 293 -31.29 5.53 -4.98
CA ILE D 293 -30.84 4.33 -4.28
C ILE D 293 -29.45 4.53 -3.71
N LYS D 294 -28.60 5.27 -4.43
CA LYS D 294 -27.26 5.56 -3.92
C LYS D 294 -27.33 6.40 -2.66
N LYS D 295 -28.10 7.50 -2.70
CA LYS D 295 -28.25 8.34 -1.52
C LYS D 295 -28.75 7.53 -0.33
N THR D 296 -29.83 6.79 -0.52
CA THR D 296 -30.40 5.99 0.57
C THR D 296 -29.35 5.06 1.18
N LEU D 297 -28.52 4.44 0.33
CA LEU D 297 -27.57 3.44 0.82
C LEU D 297 -26.46 4.07 1.65
N THR D 298 -25.99 5.26 1.25
CA THR D 298 -24.90 5.90 1.99
C THR D 298 -25.27 6.11 3.45
N LYS D 299 -26.52 6.48 3.72
CA LYS D 299 -26.94 6.84 5.06
C LYS D 299 -27.10 5.64 5.98
N ILE D 300 -27.26 4.44 5.44
CA ILE D 300 -27.45 3.24 6.26
C ILE D 300 -26.27 3.05 7.19
#